data_4G51
#
_entry.id   4G51
#
_cell.length_a   62.002
_cell.length_b   94.672
_cell.length_c   61.956
_cell.angle_alpha   90.00
_cell.angle_beta   89.16
_cell.angle_gamma   90.00
#
_symmetry.space_group_name_H-M   'P 1 21 1'
#
loop_
_entity.id
_entity.type
_entity.pdbx_description
1 polymer 'Hemoglobin subunit alpha'
2 polymer 'Hemoglobin subunit beta'
3 non-polymer 'NITRIC OXIDE'
4 non-polymer 'PROTOPORPHYRIN IX CONTAINING FE'
5 water water
#
loop_
_entity_poly.entity_id
_entity_poly.type
_entity_poly.pdbx_seq_one_letter_code
_entity_poly.pdbx_strand_id
1 'polypeptide(L)'
;(ACE)SLSDKDKAAVRALWSKIGKSADAIGNDALSRMIVVYPQTKTYFSHWPDVTPGSPHIKAHGKKVMGGIALAVSKID
DLKTGLMELSEQHAYKLRVDPANFKILNHCILVVISTMFPKEFTPEAHVSLDKFLSGVALALAERYR
;
A,C
2 'polypeptide(L)'
;VEWTDKERSIISDIFSHMDYDDIGPKALSRCLIVYPWTQRHFSGFGNLYNAEAIIGNANVAAHGIKVLHGLDRGVKNMDN
IAATYADLSTLHSEKLHVDPDNFKLLSDCITIVLAAKMGHAFTAETQGAFQKFLAVVVSALGKQYH
;
B,D
#
loop_
_chem_comp.id
_chem_comp.type
_chem_comp.name
_chem_comp.formula
ACE non-polymer 'ACETYL GROUP' 'C2 H4 O'
HEM non-polymer 'PROTOPORPHYRIN IX CONTAINING FE' 'C34 H32 Fe N4 O4'
NO non-polymer 'NITRIC OXIDE' 'N O'
#
# COMPACT_ATOMS: atom_id res chain seq x y z
C ACE A 1 16.44 3.07 -3.66
O ACE A 1 16.36 3.34 -2.39
CH3 ACE A 1 15.25 2.95 -4.49
N SER A 2 17.61 2.89 -4.17
CA SER A 2 18.92 3.14 -3.60
C SER A 2 19.10 4.60 -3.24
N LEU A 3 19.66 4.84 -2.05
CA LEU A 3 19.88 6.22 -1.65
C LEU A 3 20.98 6.88 -2.46
N SER A 4 20.65 7.96 -3.17
CA SER A 4 21.69 8.67 -3.91
C SER A 4 22.81 9.11 -2.96
N ASP A 5 23.99 9.39 -3.50
CA ASP A 5 25.07 9.92 -2.68
C ASP A 5 24.50 11.16 -1.98
N LYS A 6 23.78 11.94 -2.79
CA LYS A 6 23.09 13.12 -2.28
C LYS A 6 22.03 12.75 -1.25
N ASP A 7 21.30 11.66 -1.44
CA ASP A 7 20.32 11.31 -0.40
C ASP A 7 21.06 11.04 0.92
N LYS A 8 22.16 10.30 0.81
CA LYS A 8 22.99 10.00 1.97
C LYS A 8 23.37 11.28 2.69
N ALA A 9 23.91 12.21 1.92
CA ALA A 9 24.35 13.48 2.47
C ALA A 9 23.19 14.23 3.12
N ALA A 10 21.99 14.05 2.54
CA ALA A 10 20.80 14.75 3.06
C ALA A 10 20.29 14.07 4.31
N VAL A 11 20.18 12.74 4.34
CA VAL A 11 19.82 12.11 5.61
C VAL A 11 20.80 12.47 6.74
N ARG A 12 22.08 12.66 6.39
CA ARG A 12 23.07 12.90 7.45
C ARG A 12 22.98 14.32 7.99
N ALA A 13 22.81 15.30 7.12
CA ALA A 13 22.58 16.67 7.56
C ALA A 13 21.43 16.76 8.56
N LEU A 14 20.24 16.39 8.06
CA LEU A 14 19.00 16.39 8.80
C LEU A 14 19.17 15.77 10.16
N TRP A 15 19.76 14.57 10.22
CA TRP A 15 19.82 13.97 11.58
C TRP A 15 20.97 14.59 12.38
N SER A 16 21.67 15.54 11.77
CA SER A 16 22.66 16.33 12.48
C SER A 16 21.89 17.40 13.23
N LYS A 17 21.14 18.18 12.44
CA LYS A 17 20.27 19.17 13.09
C LYS A 17 19.22 18.52 13.98
N ILE A 18 18.72 17.31 13.70
CA ILE A 18 17.58 16.83 14.48
C ILE A 18 17.81 15.60 15.34
N GLY A 19 18.98 14.97 15.36
CA GLY A 19 19.15 13.79 16.19
C GLY A 19 19.22 14.15 17.67
N LYS A 20 19.36 15.45 17.91
CA LYS A 20 19.39 16.07 19.21
C LYS A 20 18.28 15.50 20.12
N SER A 21 17.07 15.60 19.61
CA SER A 21 15.77 15.24 20.13
C SER A 21 15.10 14.08 19.39
N ALA A 22 15.60 12.87 19.62
CA ALA A 22 15.13 11.65 18.97
C ALA A 22 14.04 10.95 19.80
N ASP A 23 14.29 10.85 21.09
CA ASP A 23 13.31 10.31 22.04
C ASP A 23 12.04 11.15 22.04
N ALA A 24 12.15 12.48 21.97
CA ALA A 24 10.95 13.29 21.86
C ALA A 24 10.17 12.91 20.61
N ILE A 25 10.89 12.79 19.50
CA ILE A 25 10.34 12.39 18.22
C ILE A 25 9.71 10.99 18.26
N GLY A 26 10.49 10.04 18.76
CA GLY A 26 10.07 8.65 18.88
C GLY A 26 8.72 8.61 19.58
N ASN A 27 8.70 9.16 20.79
CA ASN A 27 7.53 9.28 21.62
C ASN A 27 6.35 9.90 20.87
N ASP A 28 6.53 11.09 20.30
CA ASP A 28 5.35 11.66 19.64
C ASP A 28 4.94 10.82 18.42
N ALA A 29 5.85 10.00 17.92
CA ALA A 29 5.61 9.19 16.74
C ALA A 29 4.74 7.98 17.03
N LEU A 30 5.12 7.17 18.01
CA LEU A 30 4.25 6.03 18.31
C LEU A 30 2.88 6.54 18.76
N SER A 31 2.92 7.54 19.62
CA SER A 31 1.75 8.22 20.14
C SER A 31 0.75 8.45 19.01
N ARG A 32 1.29 8.93 17.89
CA ARG A 32 0.49 9.20 16.70
C ARG A 32 0.13 7.94 15.92
N MET A 33 1.02 6.95 15.94
CA MET A 33 0.71 5.76 15.14
C MET A 33 -0.55 5.11 15.68
N ILE A 34 -0.51 4.76 16.97
CA ILE A 34 -1.60 4.10 17.64
C ILE A 34 -2.89 4.91 17.68
N VAL A 35 -2.80 6.22 17.83
CA VAL A 35 -4.01 7.03 17.87
C VAL A 35 -4.59 7.25 16.48
N VAL A 36 -3.73 7.36 15.48
CA VAL A 36 -4.20 7.64 14.12
C VAL A 36 -4.25 6.38 13.28
N TYR A 37 -3.71 5.28 13.81
CA TYR A 37 -3.74 3.98 13.15
C TYR A 37 -3.90 2.90 14.22
N PRO A 38 -5.12 2.81 14.75
CA PRO A 38 -5.43 1.94 15.89
C PRO A 38 -5.37 0.45 15.57
N GLN A 39 -5.09 0.13 14.32
CA GLN A 39 -4.96 -1.24 13.84
C GLN A 39 -3.57 -1.78 14.17
N THR A 40 -2.82 -0.96 14.88
CA THR A 40 -1.43 -1.18 15.24
C THR A 40 -1.30 -1.47 16.72
N LYS A 41 -2.38 -1.33 17.47
CA LYS A 41 -2.33 -1.62 18.90
C LYS A 41 -2.24 -3.12 19.16
N THR A 42 -2.43 -3.88 18.10
CA THR A 42 -2.30 -5.33 18.05
C THR A 42 -0.93 -5.78 18.53
N TYR A 43 0.10 -4.98 18.22
CA TYR A 43 1.44 -5.38 18.64
C TYR A 43 1.79 -4.91 20.05
N PHE A 44 1.06 -3.91 20.52
CA PHE A 44 1.38 -3.32 21.82
C PHE A 44 0.51 -3.85 22.94
N SER A 45 -0.31 -4.84 22.61
CA SER A 45 -1.26 -5.54 23.44
C SER A 45 -0.66 -6.12 24.71
N HIS A 46 0.64 -6.38 24.67
CA HIS A 46 1.31 -6.94 25.84
C HIS A 46 1.11 -6.04 27.06
N TRP A 47 1.00 -4.75 26.79
CA TRP A 47 0.85 -3.69 27.76
C TRP A 47 -0.59 -3.44 28.20
N PRO A 48 -0.69 -2.73 29.32
CA PRO A 48 -1.91 -2.08 29.77
C PRO A 48 -1.98 -0.63 29.28
N ASP A 49 -0.84 0.00 29.29
CA ASP A 49 -0.14 1.22 29.18
C ASP A 49 -0.29 1.94 27.84
N VAL A 50 -1.11 1.44 26.93
CA VAL A 50 -1.22 2.05 25.61
C VAL A 50 -1.87 3.44 25.63
N THR A 51 -1.33 4.36 26.41
CA THR A 51 -1.81 5.74 26.40
C THR A 51 -0.88 6.60 25.55
N PRO A 52 -1.43 7.43 24.69
CA PRO A 52 -0.57 8.35 23.92
C PRO A 52 0.29 9.17 24.88
N GLY A 53 1.59 8.88 24.93
CA GLY A 53 2.47 9.59 25.85
C GLY A 53 2.58 8.85 27.17
N SER A 54 2.11 7.60 27.19
CA SER A 54 2.30 6.81 28.40
C SER A 54 3.80 6.70 28.65
N PRO A 55 4.20 6.28 29.85
CA PRO A 55 5.63 6.02 30.09
C PRO A 55 6.14 4.88 29.22
N HIS A 56 5.43 3.74 29.20
CA HIS A 56 5.89 2.60 28.41
C HIS A 56 6.00 2.99 26.94
N ILE A 57 5.20 3.95 26.53
CA ILE A 57 5.20 4.39 25.14
C ILE A 57 6.29 5.40 24.85
N LYS A 58 7.07 5.82 25.83
CA LYS A 58 8.11 6.80 25.51
C LYS A 58 9.48 6.14 25.48
N ALA A 59 9.70 5.18 26.39
CA ALA A 59 10.95 4.44 26.38
C ALA A 59 11.14 3.81 25.00
N HIS A 60 10.02 3.27 24.50
CA HIS A 60 10.00 2.65 23.19
C HIS A 60 10.20 3.67 22.07
N GLY A 61 9.84 4.92 22.33
CA GLY A 61 10.02 5.94 21.29
C GLY A 61 11.54 5.98 21.08
N LYS A 62 12.18 6.20 22.21
CA LYS A 62 13.63 6.15 22.29
C LYS A 62 14.14 4.88 21.60
N LYS A 63 13.57 3.74 21.99
CA LYS A 63 13.91 2.47 21.38
C LYS A 63 13.76 2.51 19.87
N VAL A 64 12.81 3.31 19.37
CA VAL A 64 12.48 3.29 17.95
C VAL A 64 13.37 4.20 17.13
N MET A 65 13.88 5.27 17.75
CA MET A 65 14.71 6.17 16.95
C MET A 65 16.17 5.75 17.01
N GLY A 66 16.58 5.10 18.09
CA GLY A 66 17.94 4.60 18.19
C GLY A 66 18.27 3.73 16.98
N GLY A 67 17.25 3.01 16.50
CA GLY A 67 17.37 2.18 15.30
C GLY A 67 17.45 3.06 14.06
N ILE A 68 16.83 4.24 14.15
CA ILE A 68 16.90 5.22 13.08
C ILE A 68 18.34 5.73 12.96
N ALA A 69 18.80 6.25 14.09
CA ALA A 69 20.12 6.75 14.36
C ALA A 69 21.18 5.77 13.86
N LEU A 70 20.87 4.49 14.03
CA LEU A 70 21.74 3.40 13.56
C LEU A 70 21.57 3.21 12.06
N ALA A 71 20.41 3.63 11.55
CA ALA A 71 20.16 3.52 10.11
C ALA A 71 20.99 4.55 9.37
N VAL A 72 21.05 5.76 9.94
CA VAL A 72 21.88 6.79 9.32
C VAL A 72 23.34 6.34 9.36
N SER A 73 23.72 5.80 10.51
CA SER A 73 25.06 5.28 10.72
C SER A 73 25.38 4.14 9.75
N LYS A 74 24.35 3.42 9.30
CA LYS A 74 24.57 2.34 8.36
C LYS A 74 23.99 2.66 6.99
N ILE A 75 23.93 3.93 6.62
CA ILE A 75 23.27 4.29 5.36
C ILE A 75 24.00 3.84 4.11
N ASP A 76 24.95 2.90 4.17
CA ASP A 76 25.59 2.43 2.95
C ASP A 76 24.97 1.07 2.61
N ASP A 77 24.69 0.33 3.68
CA ASP A 77 24.00 -0.94 3.67
C ASP A 77 22.97 -0.96 4.80
N LEU A 78 21.71 -0.88 4.39
CA LEU A 78 20.58 -0.86 5.32
C LEU A 78 20.13 -2.29 5.58
N LYS A 79 20.33 -3.11 4.54
CA LYS A 79 20.01 -4.52 4.71
C LYS A 79 20.81 -5.08 5.90
N THR A 80 22.10 -5.25 5.64
CA THR A 80 23.10 -5.79 6.52
C THR A 80 23.05 -5.19 7.93
N GLY A 81 23.14 -3.87 7.99
CA GLY A 81 23.16 -3.08 9.19
C GLY A 81 22.08 -3.38 10.19
N LEU A 82 20.82 -3.37 9.74
CA LEU A 82 19.73 -3.61 10.71
C LEU A 82 19.22 -5.04 10.76
N MET A 83 20.01 -6.01 10.32
CA MET A 83 19.65 -7.41 10.30
C MET A 83 19.01 -7.87 11.61
N GLU A 84 19.67 -7.49 12.70
CA GLU A 84 19.14 -7.84 14.03
C GLU A 84 17.72 -7.34 14.17
N LEU A 85 17.52 -6.05 13.88
CA LEU A 85 16.19 -5.46 14.06
C LEU A 85 15.15 -6.15 13.18
N SER A 86 15.62 -6.78 12.10
CA SER A 86 14.72 -7.50 11.20
C SER A 86 14.23 -8.77 11.90
N GLU A 87 15.17 -9.42 12.58
CA GLU A 87 14.91 -10.64 13.30
C GLU A 87 13.84 -10.48 14.37
N GLN A 88 13.89 -9.37 15.10
CA GLN A 88 12.90 -9.21 16.17
C GLN A 88 11.50 -9.01 15.59
N HIS A 89 11.37 -7.97 14.79
CA HIS A 89 10.09 -7.63 14.16
C HIS A 89 9.47 -8.82 13.45
N ALA A 90 10.20 -9.45 12.55
CA ALA A 90 9.64 -10.54 11.76
C ALA A 90 9.13 -11.69 12.60
N TYR A 91 10.02 -12.39 13.33
CA TYR A 91 9.61 -13.63 13.97
C TYR A 91 9.32 -13.48 15.45
N LYS A 92 9.90 -12.49 16.14
CA LYS A 92 9.54 -12.43 17.56
C LYS A 92 8.18 -11.74 17.70
N LEU A 93 8.14 -10.56 17.13
CA LEU A 93 7.09 -9.56 17.11
C LEU A 93 6.08 -9.82 16.01
N ARG A 94 6.52 -10.44 14.93
CA ARG A 94 5.71 -10.76 13.75
C ARG A 94 4.89 -9.53 13.35
N VAL A 95 5.64 -8.46 13.12
CA VAL A 95 5.07 -7.19 12.72
C VAL A 95 4.79 -7.16 11.22
N ASP A 96 3.51 -7.00 10.88
CA ASP A 96 3.14 -6.89 9.48
C ASP A 96 3.90 -5.72 8.87
N PRO A 97 4.64 -5.97 7.81
CA PRO A 97 5.52 -4.96 7.20
C PRO A 97 4.79 -3.72 6.71
N ALA A 98 3.49 -3.76 6.50
CA ALA A 98 2.80 -2.56 6.01
C ALA A 98 2.70 -1.54 7.12
N ASN A 99 2.94 -2.01 8.35
CA ASN A 99 3.03 -1.06 9.45
C ASN A 99 4.37 -0.33 9.39
N PHE A 100 5.25 -0.61 8.42
CA PHE A 100 6.46 0.23 8.36
C PHE A 100 6.08 1.56 7.72
N LYS A 101 5.30 1.48 6.63
CA LYS A 101 4.94 2.72 5.95
C LYS A 101 4.14 3.66 6.84
N ILE A 102 3.53 3.12 7.90
CA ILE A 102 2.68 3.91 8.77
C ILE A 102 3.47 4.69 9.81
N LEU A 103 4.45 4.08 10.48
CA LEU A 103 5.24 4.84 11.44
C LEU A 103 6.14 5.82 10.71
N ASN A 104 6.31 5.58 9.42
CA ASN A 104 7.19 6.42 8.61
C ASN A 104 6.49 7.72 8.27
N HIS A 105 5.25 7.67 7.81
CA HIS A 105 4.55 8.95 7.56
C HIS A 105 4.48 9.72 8.87
N CYS A 106 4.31 8.96 9.95
CA CYS A 106 4.27 9.50 11.30
C CYS A 106 5.55 10.19 11.73
N ILE A 107 6.68 9.50 11.62
CA ILE A 107 7.95 10.12 11.99
C ILE A 107 8.17 11.38 11.16
N LEU A 108 7.72 11.35 9.91
CA LEU A 108 7.84 12.45 8.98
C LEU A 108 6.86 13.57 9.33
N VAL A 109 5.76 13.20 10.01
CA VAL A 109 4.80 14.23 10.44
C VAL A 109 5.36 14.86 11.71
N VAL A 110 5.82 13.98 12.61
CA VAL A 110 6.42 14.54 13.82
C VAL A 110 7.62 15.39 13.45
N ILE A 111 8.45 14.81 12.57
CA ILE A 111 9.64 15.52 12.11
C ILE A 111 9.26 16.89 11.54
N SER A 112 8.09 16.95 10.93
CA SER A 112 7.61 18.20 10.34
C SER A 112 7.11 19.16 11.40
N THR A 113 6.54 18.64 12.49
CA THR A 113 6.05 19.57 13.51
C THR A 113 7.19 20.35 14.14
N MET A 114 8.18 19.63 14.68
CA MET A 114 9.26 20.18 15.46
C MET A 114 10.36 20.88 14.68
N PHE A 115 10.56 20.61 13.40
CA PHE A 115 11.66 21.25 12.68
C PHE A 115 11.23 21.73 11.30
N PRO A 116 10.40 22.76 11.26
CA PRO A 116 9.88 23.30 10.00
C PRO A 116 10.96 23.90 9.11
N LYS A 117 12.01 24.48 9.68
CA LYS A 117 13.08 25.06 8.87
C LYS A 117 14.01 24.00 8.28
N GLU A 118 14.11 22.86 8.95
CA GLU A 118 15.02 21.81 8.53
C GLU A 118 14.40 20.92 7.47
N PHE A 119 13.09 20.73 7.58
CA PHE A 119 12.34 19.82 6.73
C PHE A 119 11.97 20.42 5.38
N THR A 120 12.97 20.79 4.58
CA THR A 120 12.59 21.26 3.24
C THR A 120 11.94 20.15 2.45
N PRO A 121 11.38 20.45 1.28
CA PRO A 121 10.89 19.36 0.44
C PRO A 121 12.06 18.43 0.08
N GLU A 122 13.20 19.06 -0.18
CA GLU A 122 14.45 18.41 -0.52
C GLU A 122 14.90 17.48 0.62
N ALA A 123 14.77 17.96 1.85
CA ALA A 123 15.10 17.12 3.00
C ALA A 123 14.06 16.00 3.13
N HIS A 124 12.81 16.41 2.90
CA HIS A 124 11.64 15.54 2.97
C HIS A 124 11.75 14.40 1.97
N VAL A 125 12.00 14.70 0.69
CA VAL A 125 12.11 13.61 -0.29
C VAL A 125 13.18 12.62 0.10
N SER A 126 14.44 13.02 0.06
CA SER A 126 15.54 12.10 0.41
C SER A 126 15.38 11.45 1.77
N LEU A 127 14.53 11.91 2.68
CA LEU A 127 14.32 11.09 3.87
C LEU A 127 13.18 10.11 3.64
N ASP A 128 12.30 10.38 2.68
CA ASP A 128 11.30 9.32 2.45
C ASP A 128 11.99 8.12 1.84
N LYS A 129 12.80 8.38 0.82
CA LYS A 129 13.59 7.37 0.13
C LYS A 129 14.36 6.49 1.11
N PHE A 130 14.78 7.09 2.21
CA PHE A 130 15.57 6.51 3.29
C PHE A 130 14.77 5.50 4.11
N LEU A 131 13.79 5.97 4.88
CA LEU A 131 13.04 5.08 5.76
C LEU A 131 12.29 4.04 4.95
N SER A 132 12.01 4.36 3.68
CA SER A 132 11.36 3.29 2.91
C SER A 132 12.33 2.14 2.72
N GLY A 133 13.60 2.46 2.51
CA GLY A 133 14.59 1.38 2.34
C GLY A 133 14.81 0.82 3.73
N VAL A 134 14.63 1.74 4.68
CA VAL A 134 14.74 1.31 6.08
C VAL A 134 13.68 0.22 6.30
N ALA A 135 12.44 0.58 5.99
CA ALA A 135 11.33 -0.35 6.05
C ALA A 135 11.65 -1.62 5.27
N LEU A 136 12.32 -1.48 4.13
CA LEU A 136 12.54 -2.69 3.33
C LEU A 136 13.71 -3.53 3.86
N ALA A 137 14.67 -2.86 4.50
CA ALA A 137 15.80 -3.55 5.10
C ALA A 137 15.30 -4.53 6.18
N LEU A 138 14.22 -4.09 6.82
CA LEU A 138 13.60 -4.80 7.93
C LEU A 138 12.72 -5.97 7.50
N ALA A 139 12.38 -6.07 6.21
CA ALA A 139 11.55 -7.18 5.77
C ALA A 139 12.38 -8.39 5.34
N GLU A 140 13.70 -8.22 5.42
CA GLU A 140 14.72 -9.15 4.99
C GLU A 140 14.61 -10.51 5.68
N ARG A 141 14.38 -10.55 6.99
CA ARG A 141 14.34 -11.87 7.65
C ARG A 141 12.95 -12.46 7.78
N TYR A 142 11.95 -11.86 7.16
CA TYR A 142 10.56 -12.33 7.25
C TYR A 142 10.33 -13.59 6.43
N ARG A 143 10.83 -13.62 5.19
CA ARG A 143 10.56 -14.76 4.33
C ARG A 143 11.61 -15.02 3.26
N VAL B 1 -20.53 8.71 5.60
CA VAL B 1 -19.54 8.60 6.67
C VAL B 1 -19.99 9.29 7.96
N GLU B 2 -19.54 8.76 9.08
CA GLU B 2 -19.79 9.29 10.40
C GLU B 2 -18.94 10.52 10.68
N TRP B 3 -19.13 11.17 11.83
CA TRP B 3 -18.46 12.42 12.10
C TRP B 3 -18.69 12.96 13.50
N THR B 4 -17.75 12.78 14.43
CA THR B 4 -17.88 13.35 15.76
C THR B 4 -18.07 14.86 15.73
N ASP B 5 -18.30 15.50 16.87
CA ASP B 5 -18.42 16.96 16.86
C ASP B 5 -17.03 17.58 16.97
N LYS B 6 -16.19 16.95 17.80
CA LYS B 6 -14.79 17.34 17.94
C LYS B 6 -14.04 17.06 16.65
N GLU B 7 -14.55 16.19 15.79
CA GLU B 7 -13.89 16.06 14.50
C GLU B 7 -14.24 17.34 13.72
N ARG B 8 -15.39 17.89 14.11
CA ARG B 8 -15.93 19.07 13.44
C ARG B 8 -15.33 20.37 13.96
N SER B 9 -14.92 20.45 15.23
CA SER B 9 -14.35 21.76 15.59
C SER B 9 -12.95 21.83 14.99
N ILE B 10 -12.13 20.83 15.32
CA ILE B 10 -10.78 20.76 14.79
C ILE B 10 -10.76 20.95 13.29
N ILE B 11 -11.61 20.19 12.59
CA ILE B 11 -11.62 20.40 11.14
C ILE B 11 -12.09 21.80 10.78
N SER B 12 -13.10 22.30 11.50
CA SER B 12 -13.67 23.62 11.19
C SER B 12 -12.62 24.71 11.43
N ASP B 13 -11.98 24.55 12.58
CA ASP B 13 -10.88 25.35 13.07
C ASP B 13 -9.76 25.41 12.05
N ILE B 14 -9.36 24.22 11.61
CA ILE B 14 -8.28 24.04 10.64
C ILE B 14 -8.50 24.84 9.37
N PHE B 15 -9.74 25.22 9.06
CA PHE B 15 -9.86 26.11 7.90
C PHE B 15 -10.04 27.54 8.37
N SER B 16 -10.11 27.77 9.69
CA SER B 16 -10.13 29.18 10.10
C SER B 16 -8.74 29.79 9.95
N HIS B 17 -7.72 29.22 10.58
CA HIS B 17 -6.37 29.75 10.56
C HIS B 17 -5.54 29.36 9.35
N MET B 18 -5.94 28.35 8.60
CA MET B 18 -5.19 27.83 7.47
C MET B 18 -4.76 28.91 6.50
N ASP B 19 -3.44 29.05 6.29
CA ASP B 19 -2.96 30.01 5.30
C ASP B 19 -3.08 29.38 3.92
N TYR B 20 -4.00 29.90 3.11
CA TYR B 20 -4.31 29.27 1.82
C TYR B 20 -3.27 29.54 0.74
N ASP B 21 -2.67 30.73 0.83
CA ASP B 21 -1.70 31.15 -0.18
C ASP B 21 -0.28 30.81 0.26
N ASP B 22 -0.15 30.33 1.50
CA ASP B 22 1.08 29.87 2.09
C ASP B 22 1.33 28.39 1.82
N ILE B 23 0.45 27.56 2.35
CA ILE B 23 0.54 26.11 2.26
C ILE B 23 0.09 25.55 0.92
N GLY B 24 -0.76 26.29 0.22
CA GLY B 24 -1.24 25.87 -1.09
C GLY B 24 -0.10 25.61 -2.05
N PRO B 25 0.74 26.61 -2.28
CA PRO B 25 1.93 26.42 -3.12
C PRO B 25 2.94 25.50 -2.44
N LYS B 26 2.93 25.50 -1.11
CA LYS B 26 3.85 24.69 -0.32
C LYS B 26 3.50 23.21 -0.31
N ALA B 27 2.38 22.82 -0.92
CA ALA B 27 2.01 21.41 -0.83
C ALA B 27 1.93 20.76 -2.20
N LEU B 28 1.52 21.50 -3.23
CA LEU B 28 1.58 20.87 -4.56
C LEU B 28 3.04 20.87 -5.02
N SER B 29 3.70 22.01 -4.78
CA SER B 29 5.13 22.10 -5.07
C SER B 29 5.85 21.00 -4.29
N ARG B 30 5.33 20.68 -3.11
CA ARG B 30 5.93 19.63 -2.30
C ARG B 30 5.51 18.25 -2.82
N CYS B 31 4.39 18.24 -3.52
CA CYS B 31 3.94 16.96 -4.06
C CYS B 31 4.85 16.51 -5.21
N LEU B 32 5.04 17.40 -6.18
CA LEU B 32 5.83 17.16 -7.37
C LEU B 32 7.31 16.98 -7.04
N ILE B 33 7.72 17.15 -5.78
CA ILE B 33 9.13 16.90 -5.47
C ILE B 33 9.29 15.54 -4.81
N VAL B 34 8.54 15.28 -3.74
CA VAL B 34 8.66 13.95 -3.13
C VAL B 34 8.07 12.87 -4.03
N TYR B 35 7.15 13.23 -4.90
CA TYR B 35 6.53 12.27 -5.82
C TYR B 35 6.43 12.91 -7.20
N PRO B 36 7.61 13.07 -7.81
CA PRO B 36 7.76 13.74 -9.10
C PRO B 36 6.97 13.08 -10.22
N TRP B 37 6.44 11.88 -10.01
CA TRP B 37 5.61 11.29 -11.08
C TRP B 37 4.33 12.13 -11.25
N THR B 38 3.98 12.85 -10.20
CA THR B 38 2.84 13.76 -10.21
C THR B 38 3.01 14.87 -11.23
N GLN B 39 4.22 15.08 -11.77
CA GLN B 39 4.31 16.16 -12.77
C GLN B 39 3.76 15.67 -14.11
N ARG B 40 3.28 14.43 -14.18
CA ARG B 40 2.69 13.79 -15.33
C ARG B 40 1.67 14.63 -16.08
N HIS B 41 1.01 15.58 -15.41
CA HIS B 41 -0.04 16.34 -16.08
C HIS B 41 0.34 17.80 -16.30
N PHE B 42 0.92 18.40 -15.27
CA PHE B 42 1.27 19.80 -15.17
C PHE B 42 2.36 20.24 -16.14
N SER B 43 2.80 19.35 -17.00
CA SER B 43 3.80 19.51 -18.03
C SER B 43 3.80 20.86 -18.72
N GLY B 44 2.69 21.60 -18.78
CA GLY B 44 2.65 22.89 -19.45
C GLY B 44 2.94 24.06 -18.51
N PHE B 45 3.00 23.81 -17.22
CA PHE B 45 3.19 24.81 -16.19
C PHE B 45 4.50 25.58 -16.28
N GLY B 46 5.43 25.14 -17.10
CA GLY B 46 6.73 25.76 -17.25
C GLY B 46 7.88 24.90 -16.76
N ASN B 47 8.93 25.52 -16.23
CA ASN B 47 10.09 24.76 -15.76
C ASN B 47 9.78 24.06 -14.44
N LEU B 48 10.03 22.75 -14.40
CA LEU B 48 9.80 21.99 -13.17
C LEU B 48 10.86 20.93 -12.95
N TYR B 49 11.86 20.88 -13.84
CA TYR B 49 12.86 19.82 -13.82
C TYR B 49 13.49 19.64 -12.45
N ASN B 50 14.03 20.70 -11.83
CA ASN B 50 14.66 20.49 -10.52
C ASN B 50 13.91 21.22 -9.41
N ALA B 51 14.02 20.73 -8.20
CA ALA B 51 13.31 21.16 -7.01
C ALA B 51 12.91 22.62 -6.96
N GLU B 52 13.86 23.55 -6.83
CA GLU B 52 13.50 24.95 -6.62
C GLU B 52 13.03 25.62 -7.91
N ALA B 53 12.97 24.84 -8.97
CA ALA B 53 12.41 25.28 -10.24
C ALA B 53 10.92 24.95 -10.26
N ILE B 54 10.50 24.32 -9.16
CA ILE B 54 9.15 23.90 -8.85
C ILE B 54 8.59 24.83 -7.76
N ILE B 55 9.47 25.19 -6.84
CA ILE B 55 9.15 26.18 -5.83
C ILE B 55 9.25 27.56 -6.46
N GLY B 56 9.80 27.56 -7.65
CA GLY B 56 9.98 28.71 -8.52
C GLY B 56 9.07 28.65 -9.73
N ASN B 57 7.97 27.92 -9.60
CA ASN B 57 6.91 27.86 -10.61
C ASN B 57 5.61 28.39 -10.01
N ALA B 58 5.25 29.59 -10.42
CA ALA B 58 4.14 30.42 -10.03
C ALA B 58 2.78 29.79 -10.32
N ASN B 59 2.74 29.03 -11.41
CA ASN B 59 1.56 28.29 -11.82
C ASN B 59 1.21 27.25 -10.76
N VAL B 60 2.22 26.50 -10.31
CA VAL B 60 2.00 25.58 -9.21
C VAL B 60 1.59 26.35 -7.95
N ALA B 61 2.03 27.60 -7.90
CA ALA B 61 1.70 28.44 -6.75
C ALA B 61 0.17 28.57 -6.68
N ALA B 62 -0.31 29.21 -7.71
CA ALA B 62 -1.68 29.40 -8.13
C ALA B 62 -2.50 28.15 -7.84
N HIS B 63 -2.34 27.18 -8.74
CA HIS B 63 -3.01 25.90 -8.64
C HIS B 63 -2.97 25.30 -7.24
N GLY B 64 -1.83 25.38 -6.55
CA GLY B 64 -1.73 24.77 -5.22
C GLY B 64 -2.74 25.39 -4.28
N ILE B 65 -3.11 26.64 -4.56
CA ILE B 65 -4.14 27.35 -3.79
C ILE B 65 -5.53 26.84 -4.20
N LYS B 66 -5.73 26.71 -5.50
CA LYS B 66 -6.87 26.05 -6.13
C LYS B 66 -7.26 24.81 -5.33
N VAL B 67 -6.33 23.86 -5.37
CA VAL B 67 -6.39 22.59 -4.67
C VAL B 67 -6.87 22.75 -3.24
N LEU B 68 -6.13 23.54 -2.50
CA LEU B 68 -6.40 23.92 -1.12
C LEU B 68 -7.85 24.32 -0.92
N HIS B 69 -8.33 25.22 -1.79
CA HIS B 69 -9.71 25.68 -1.66
C HIS B 69 -10.68 24.58 -2.03
N GLY B 70 -10.25 23.68 -2.92
CA GLY B 70 -11.07 22.62 -3.42
C GLY B 70 -11.63 21.67 -2.38
N LEU B 71 -11.19 21.78 -1.14
CA LEU B 71 -11.59 21.00 0.01
C LEU B 71 -12.55 21.78 0.91
N ASP B 72 -12.89 22.97 0.46
CA ASP B 72 -13.81 23.92 1.03
C ASP B 72 -15.20 23.30 1.20
N ARG B 73 -15.80 23.04 0.04
CA ARG B 73 -17.08 22.38 -0.08
C ARG B 73 -17.19 21.19 0.87
N GLY B 74 -16.23 20.28 0.79
CA GLY B 74 -16.19 19.11 1.65
C GLY B 74 -16.41 19.50 3.09
N VAL B 75 -15.75 20.58 3.53
CA VAL B 75 -15.97 20.99 4.93
C VAL B 75 -17.44 21.35 5.10
N LYS B 76 -18.04 21.96 4.09
CA LYS B 76 -19.47 22.24 4.10
C LYS B 76 -20.29 20.95 4.00
N ASN B 77 -19.95 20.12 3.04
CA ASN B 77 -20.63 18.89 2.66
C ASN B 77 -20.05 17.64 3.29
N MET B 78 -19.81 17.69 4.59
CA MET B 78 -19.19 16.65 5.38
C MET B 78 -19.93 15.32 5.33
N ASP B 79 -21.25 15.40 5.31
CA ASP B 79 -22.13 14.23 5.36
C ASP B 79 -22.66 13.91 3.97
N ASN B 80 -22.07 14.61 3.01
CA ASN B 80 -22.37 14.54 1.60
C ASN B 80 -21.16 14.95 0.78
N ILE B 81 -20.03 14.26 1.01
CA ILE B 81 -18.80 14.74 0.34
C ILE B 81 -18.71 14.13 -1.06
N ALA B 82 -18.97 12.84 -1.15
CA ALA B 82 -18.99 12.05 -2.37
C ALA B 82 -20.00 12.61 -3.36
N ALA B 83 -21.23 12.82 -2.91
CA ALA B 83 -22.24 13.44 -3.77
C ALA B 83 -21.78 14.82 -4.20
N THR B 84 -21.01 15.43 -3.31
CA THR B 84 -20.48 16.77 -3.49
C THR B 84 -19.23 16.82 -4.36
N TYR B 85 -18.46 15.74 -4.37
CA TYR B 85 -17.20 15.71 -5.11
C TYR B 85 -17.31 14.90 -6.39
N ALA B 86 -18.42 14.21 -6.52
CA ALA B 86 -18.76 13.37 -7.66
C ALA B 86 -18.27 13.95 -8.98
N ASP B 87 -18.68 15.18 -9.28
CA ASP B 87 -18.20 15.75 -10.54
C ASP B 87 -16.75 16.20 -10.46
N LEU B 88 -16.14 16.36 -9.29
CA LEU B 88 -14.72 16.74 -9.37
C LEU B 88 -13.95 15.55 -9.93
N SER B 89 -14.08 14.44 -9.20
CA SER B 89 -13.60 13.13 -9.56
C SER B 89 -13.70 12.86 -11.05
N THR B 90 -14.94 12.82 -11.53
CA THR B 90 -15.25 12.54 -12.93
C THR B 90 -14.42 13.43 -13.86
N LEU B 91 -14.25 14.69 -13.46
CA LEU B 91 -13.39 15.58 -14.23
C LEU B 91 -11.99 15.01 -14.27
N HIS B 92 -11.35 14.87 -13.11
CA HIS B 92 -9.98 14.36 -13.05
C HIS B 92 -9.79 13.01 -13.72
N SER B 93 -10.87 12.26 -13.88
CA SER B 93 -10.82 10.92 -14.46
C SER B 93 -10.85 10.89 -15.98
N GLU B 94 -11.84 11.54 -16.58
CA GLU B 94 -12.07 11.44 -18.01
C GLU B 94 -11.39 12.53 -18.80
N LYS B 95 -11.33 13.72 -18.20
CA LYS B 95 -10.70 14.82 -18.93
C LYS B 95 -9.21 14.86 -18.63
N LEU B 96 -8.90 14.93 -17.34
CA LEU B 96 -7.53 15.03 -16.83
C LEU B 96 -6.77 13.71 -16.90
N HIS B 97 -7.34 12.62 -16.41
CA HIS B 97 -6.84 11.26 -16.43
C HIS B 97 -5.94 10.97 -15.24
N VAL B 98 -5.94 11.84 -14.23
CA VAL B 98 -5.00 11.68 -13.12
C VAL B 98 -5.16 10.34 -12.40
N ASP B 99 -4.03 9.67 -12.22
CA ASP B 99 -4.07 8.41 -11.46
C ASP B 99 -4.43 8.75 -10.01
N PRO B 100 -5.57 8.20 -9.58
CA PRO B 100 -6.14 8.43 -8.25
C PRO B 100 -5.24 8.06 -7.08
N ASP B 101 -4.06 7.51 -7.32
CA ASP B 101 -3.16 7.19 -6.19
C ASP B 101 -2.40 8.45 -5.76
N ASN B 102 -2.32 9.36 -6.73
CA ASN B 102 -1.64 10.63 -6.52
C ASN B 102 -2.45 11.54 -5.59
N PHE B 103 -3.77 11.54 -5.71
CA PHE B 103 -4.68 12.27 -4.84
C PHE B 103 -4.24 12.06 -3.39
N LYS B 104 -4.11 10.77 -3.10
CA LYS B 104 -3.70 10.34 -1.77
C LYS B 104 -2.27 10.77 -1.50
N LEU B 105 -1.49 11.04 -2.55
CA LEU B 105 -0.10 11.41 -2.23
C LEU B 105 0.01 12.90 -2.00
N LEU B 106 -0.95 13.68 -2.52
CA LEU B 106 -0.89 15.11 -2.24
C LEU B 106 -1.36 15.40 -0.81
N SER B 107 -2.35 14.64 -0.40
CA SER B 107 -2.90 14.73 0.94
C SER B 107 -1.77 14.71 1.99
N ASP B 108 -0.86 13.76 1.85
CA ASP B 108 0.27 13.59 2.78
C ASP B 108 1.27 14.72 2.65
N CYS B 109 1.19 15.46 1.55
CA CYS B 109 2.00 16.65 1.32
C CYS B 109 1.28 17.86 1.89
N ILE B 110 -0.06 17.82 1.84
CA ILE B 110 -0.85 18.86 2.46
C ILE B 110 -0.75 18.70 3.98
N THR B 111 -0.94 17.46 4.42
CA THR B 111 -0.85 17.16 5.85
C THR B 111 0.45 17.75 6.40
N ILE B 112 1.54 17.08 6.09
CA ILE B 112 2.91 17.44 6.42
C ILE B 112 3.14 18.94 6.44
N VAL B 113 2.82 19.69 5.40
CA VAL B 113 3.00 21.13 5.43
C VAL B 113 2.32 21.80 6.62
N LEU B 114 1.01 21.55 6.73
CA LEU B 114 0.21 22.06 7.83
C LEU B 114 0.90 21.75 9.16
N ALA B 115 1.49 20.58 9.22
CA ALA B 115 2.23 20.03 10.35
C ALA B 115 3.39 20.92 10.77
N ALA B 116 4.11 21.53 9.85
CA ALA B 116 5.17 22.45 10.27
C ALA B 116 4.60 23.85 10.49
N LYS B 117 3.39 24.11 9.96
CA LYS B 117 2.84 25.44 10.22
C LYS B 117 2.17 25.47 11.59
N MET B 118 1.64 24.34 12.03
CA MET B 118 0.90 24.32 13.29
C MET B 118 1.83 23.88 14.41
N GLY B 119 2.95 23.28 14.01
CA GLY B 119 3.98 22.86 14.93
C GLY B 119 3.43 22.05 16.08
N HIS B 120 3.50 22.60 17.29
CA HIS B 120 3.00 21.85 18.44
C HIS B 120 1.48 21.91 18.51
N ALA B 121 0.84 22.53 17.53
CA ALA B 121 -0.61 22.59 17.46
C ALA B 121 -1.20 21.52 16.55
N PHE B 122 -0.41 20.83 15.73
CA PHE B 122 -0.99 19.77 14.91
C PHE B 122 -0.87 18.39 15.56
N THR B 123 -1.40 18.28 16.76
CA THR B 123 -1.43 17.13 17.62
C THR B 123 -1.78 15.84 16.89
N ALA B 124 -1.67 14.74 17.64
CA ALA B 124 -2.15 13.45 17.16
C ALA B 124 -3.59 13.63 16.67
N GLU B 125 -4.39 14.08 17.61
CA GLU B 125 -5.74 14.54 17.63
C GLU B 125 -6.21 15.06 16.26
N THR B 126 -5.60 16.20 15.97
CA THR B 126 -5.82 17.04 14.81
C THR B 126 -5.33 16.38 13.55
N GLN B 127 -4.30 15.54 13.76
CA GLN B 127 -3.79 14.82 12.59
C GLN B 127 -4.81 13.74 12.23
N GLY B 128 -5.34 13.12 13.30
CA GLY B 128 -6.39 12.12 13.19
C GLY B 128 -7.59 12.68 12.44
N ALA B 129 -8.19 13.73 12.99
CA ALA B 129 -9.36 14.34 12.36
C ALA B 129 -8.99 15.00 11.05
N PHE B 130 -7.74 15.44 10.88
CA PHE B 130 -7.42 16.09 9.60
C PHE B 130 -7.33 15.06 8.49
N GLN B 131 -6.64 13.96 8.78
CA GLN B 131 -6.46 12.89 7.80
C GLN B 131 -7.79 12.22 7.48
N LYS B 132 -8.58 12.05 8.53
CA LYS B 132 -9.88 11.41 8.47
C LYS B 132 -10.94 12.31 7.81
N PHE B 133 -10.53 13.35 7.12
CA PHE B 133 -11.29 14.24 6.27
C PHE B 133 -10.67 14.21 4.87
N LEU B 134 -9.33 14.17 4.79
CA LEU B 134 -8.82 14.17 3.40
C LEU B 134 -9.00 12.79 2.78
N ALA B 135 -9.12 11.80 3.64
CA ALA B 135 -9.21 10.41 3.21
C ALA B 135 -10.63 10.05 2.79
N VAL B 136 -11.51 11.03 2.82
CA VAL B 136 -12.91 10.91 2.45
C VAL B 136 -13.14 11.66 1.15
N VAL B 137 -12.45 12.81 1.10
CA VAL B 137 -12.53 13.60 -0.13
C VAL B 137 -11.90 12.78 -1.26
N VAL B 138 -10.67 12.35 -1.07
CA VAL B 138 -9.93 11.50 -1.99
C VAL B 138 -10.80 10.36 -2.53
N SER B 139 -11.45 9.69 -1.59
CA SER B 139 -12.36 8.60 -1.86
C SER B 139 -13.34 9.05 -2.95
N ALA B 140 -14.20 9.97 -2.54
CA ALA B 140 -15.12 10.65 -3.43
C ALA B 140 -14.39 11.08 -4.70
N LEU B 141 -13.19 11.61 -4.50
CA LEU B 141 -12.34 12.07 -5.60
C LEU B 141 -12.12 10.93 -6.58
N GLY B 142 -12.07 9.70 -6.04
CA GLY B 142 -11.94 8.53 -6.88
C GLY B 142 -13.26 7.91 -7.30
N LYS B 143 -14.32 8.04 -6.50
CA LYS B 143 -15.60 7.36 -6.68
C LYS B 143 -16.09 7.32 -8.12
N GLN B 144 -15.73 8.27 -9.00
CA GLN B 144 -16.28 8.16 -10.35
C GLN B 144 -15.22 7.74 -11.37
N TYR B 145 -14.35 6.80 -11.01
CA TYR B 145 -13.32 6.28 -11.92
C TYR B 145 -13.77 4.93 -12.49
N HIS B 146 -14.53 4.99 -13.57
CA HIS B 146 -15.17 3.86 -14.21
C HIS B 146 -14.50 3.51 -15.53
C ACE C 1 13.67 -8.84 -0.71
O ACE C 1 12.92 -9.09 -1.75
CH3 ACE C 1 13.02 -8.74 0.60
N SER C 2 14.94 -8.67 -0.78
CA SER C 2 16.09 -9.25 -1.42
C SER C 2 15.94 -10.75 -1.69
N LEU C 3 16.22 -11.20 -2.90
CA LEU C 3 16.05 -12.61 -3.21
C LEU C 3 17.27 -13.45 -2.86
N SER C 4 17.09 -14.37 -1.91
CA SER C 4 18.11 -15.34 -1.56
C SER C 4 18.47 -16.19 -2.76
N ASP C 5 19.19 -17.29 -2.50
CA ASP C 5 19.58 -18.17 -3.60
C ASP C 5 18.38 -19.03 -4.01
N LYS C 6 17.89 -19.76 -3.02
CA LYS C 6 16.68 -20.56 -3.04
C LYS C 6 15.67 -19.99 -4.04
N ASP C 7 15.41 -18.71 -3.82
CA ASP C 7 14.52 -17.85 -4.57
C ASP C 7 14.85 -17.82 -6.07
N LYS C 8 16.10 -17.46 -6.33
CA LYS C 8 16.62 -17.38 -7.69
C LYS C 8 16.26 -18.69 -8.40
N ALA C 9 16.72 -19.77 -7.76
CA ALA C 9 16.46 -21.09 -8.29
C ALA C 9 14.97 -21.26 -8.52
N ALA C 10 14.25 -21.17 -7.42
CA ALA C 10 12.81 -21.28 -7.27
C ALA C 10 12.10 -20.54 -8.39
N VAL C 11 12.36 -19.22 -8.42
CA VAL C 11 11.87 -18.41 -9.53
C VAL C 11 12.38 -19.08 -10.79
N ARG C 12 13.53 -18.73 -11.33
CA ARG C 12 14.23 -19.25 -12.49
C ARG C 12 13.73 -20.62 -12.94
N ALA C 13 13.64 -21.53 -11.98
CA ALA C 13 13.26 -22.92 -12.21
C ALA C 13 11.80 -23.10 -12.61
N LEU C 14 11.02 -22.02 -12.52
CA LEU C 14 9.61 -22.01 -12.86
C LEU C 14 9.41 -21.22 -14.16
N TRP C 15 10.26 -20.21 -14.31
CA TRP C 15 10.23 -19.43 -15.55
C TRP C 15 10.41 -20.41 -16.70
N SER C 16 11.32 -21.34 -16.46
CA SER C 16 11.62 -22.50 -17.27
C SER C 16 10.34 -23.09 -17.86
N LYS C 17 9.48 -23.58 -16.99
CA LYS C 17 8.17 -24.15 -17.27
C LYS C 17 7.28 -23.28 -18.14
N ILE C 18 6.99 -22.06 -17.66
CA ILE C 18 5.97 -21.23 -18.29
C ILE C 18 6.51 -20.14 -19.20
N GLY C 19 7.81 -20.09 -19.45
CA GLY C 19 8.30 -19.04 -20.33
C GLY C 19 7.68 -19.14 -21.70
N LYS C 20 7.25 -20.35 -22.09
CA LYS C 20 6.66 -20.50 -23.43
C LYS C 20 5.33 -19.76 -23.52
N SER C 21 4.63 -19.62 -22.40
CA SER C 21 3.35 -18.92 -22.36
C SER C 21 3.54 -17.48 -21.88
N ALA C 22 4.77 -16.97 -21.97
CA ALA C 22 5.02 -15.62 -21.47
C ALA C 22 4.25 -14.60 -22.31
N ASP C 23 4.07 -14.91 -23.59
CA ASP C 23 3.28 -13.97 -24.40
C ASP C 23 1.88 -13.87 -23.82
N ALA C 24 1.02 -14.84 -24.15
CA ALA C 24 -0.35 -14.94 -23.71
C ALA C 24 -0.56 -14.59 -22.24
N ILE C 25 0.43 -14.84 -21.38
CA ILE C 25 0.26 -14.53 -19.97
C ILE C 25 0.08 -13.04 -19.71
N GLY C 26 0.79 -12.23 -20.48
CA GLY C 26 0.81 -10.79 -20.33
C GLY C 26 -0.46 -10.13 -20.85
N ASN C 27 -0.94 -10.61 -21.99
CA ASN C 27 -2.19 -10.07 -22.51
C ASN C 27 -3.34 -10.38 -21.56
N ASP C 28 -3.18 -11.46 -20.80
CA ASP C 28 -4.20 -11.86 -19.85
C ASP C 28 -4.06 -11.09 -18.54
N ALA C 29 -2.81 -10.81 -18.14
CA ALA C 29 -2.54 -10.06 -16.92
C ALA C 29 -2.82 -8.57 -17.12
N LEU C 30 -2.46 -8.09 -18.30
CA LEU C 30 -2.74 -6.75 -18.77
C LEU C 30 -4.24 -6.53 -18.95
N SER C 31 -4.97 -7.62 -19.17
CA SER C 31 -6.43 -7.50 -19.29
C SER C 31 -7.04 -7.43 -17.90
N ARG C 32 -6.64 -8.34 -17.01
CA ARG C 32 -7.14 -8.34 -15.64
C ARG C 32 -6.74 -7.10 -14.87
N MET C 33 -5.79 -6.34 -15.42
CA MET C 33 -5.36 -5.13 -14.73
C MET C 33 -6.42 -4.04 -14.84
N ILE C 34 -6.86 -3.75 -16.06
CA ILE C 34 -7.84 -2.68 -16.27
C ILE C 34 -9.26 -3.17 -16.15
N VAL C 35 -9.47 -4.49 -16.00
CA VAL C 35 -10.84 -4.88 -15.69
C VAL C 35 -11.06 -4.56 -14.21
N VAL C 36 -10.52 -5.39 -13.31
CA VAL C 36 -10.72 -5.16 -11.88
C VAL C 36 -10.26 -3.78 -11.44
N TYR C 37 -9.15 -3.27 -11.99
CA TYR C 37 -8.62 -1.96 -11.66
C TYR C 37 -8.66 -1.06 -12.88
N PRO C 38 -9.86 -0.61 -13.24
CA PRO C 38 -10.06 0.14 -14.48
C PRO C 38 -9.63 1.60 -14.35
N GLN C 39 -8.94 1.91 -13.26
CA GLN C 39 -8.44 3.27 -13.07
C GLN C 39 -6.99 3.37 -13.52
N THR C 40 -6.38 2.23 -13.87
CA THR C 40 -5.00 2.25 -14.36
C THR C 40 -5.03 2.54 -15.87
N LYS C 41 -6.26 2.72 -16.34
CA LYS C 41 -6.61 3.01 -17.72
C LYS C 41 -6.32 4.47 -18.08
N THR C 42 -6.03 5.24 -17.05
CA THR C 42 -5.61 6.64 -17.12
C THR C 42 -4.39 6.85 -18.00
N TYR C 43 -3.41 5.94 -17.85
CA TYR C 43 -2.22 6.08 -18.69
C TYR C 43 -2.49 5.64 -20.11
N PHE C 44 -3.41 4.69 -20.24
CA PHE C 44 -3.63 4.08 -21.55
C PHE C 44 -4.64 4.83 -22.39
N SER C 45 -5.36 5.79 -21.82
CA SER C 45 -6.42 6.59 -22.40
C SER C 45 -6.22 7.03 -23.85
N HIS C 46 -5.02 7.01 -24.41
CA HIS C 46 -4.76 7.34 -25.79
C HIS C 46 -4.89 6.12 -26.71
N TRP C 47 -5.33 4.98 -26.16
CA TRP C 47 -5.56 3.78 -26.94
C TRP C 47 -7.06 3.51 -27.09
N PRO C 48 -7.58 3.75 -28.28
CA PRO C 48 -8.99 3.50 -28.60
C PRO C 48 -9.53 2.19 -28.04
N ASP C 49 -8.69 1.15 -27.98
CA ASP C 49 -9.24 -0.13 -27.50
C ASP C 49 -8.69 -0.56 -26.15
N VAL C 50 -8.55 0.34 -25.18
CA VAL C 50 -8.08 -0.16 -23.88
C VAL C 50 -9.18 -1.00 -23.24
N THR C 51 -9.35 -2.21 -23.75
CA THR C 51 -10.33 -3.20 -23.34
C THR C 51 -9.72 -4.60 -23.41
N PRO C 52 -10.19 -5.45 -22.52
CA PRO C 52 -9.68 -6.81 -22.32
C PRO C 52 -9.32 -7.52 -23.63
N GLY C 53 -8.06 -7.91 -23.72
CA GLY C 53 -7.40 -8.66 -24.75
C GLY C 53 -7.54 -8.13 -26.16
N SER C 54 -7.40 -6.82 -26.33
CA SER C 54 -7.51 -6.19 -27.64
C SER C 54 -6.13 -5.92 -28.25
N PRO C 55 -6.09 -5.74 -29.55
CA PRO C 55 -4.91 -5.37 -30.34
C PRO C 55 -3.81 -4.67 -29.57
N HIS C 56 -4.12 -3.52 -28.98
CA HIS C 56 -3.15 -2.79 -28.17
C HIS C 56 -2.81 -3.55 -26.90
N ILE C 57 -3.84 -3.88 -26.13
CA ILE C 57 -3.69 -4.50 -24.82
C ILE C 57 -2.95 -5.83 -24.90
N LYS C 58 -3.35 -6.60 -25.91
CA LYS C 58 -2.75 -7.90 -26.17
C LYS C 58 -1.35 -7.72 -26.75
N ALA C 59 -1.21 -6.87 -27.78
CA ALA C 59 0.12 -6.65 -28.34
C ALA C 59 1.07 -6.17 -27.26
N HIS C 60 0.58 -5.28 -26.40
CA HIS C 60 1.46 -4.80 -25.33
C HIS C 60 1.84 -5.94 -24.39
N GLY C 61 0.90 -6.83 -24.12
CA GLY C 61 1.06 -7.94 -23.20
C GLY C 61 2.40 -8.64 -23.31
N LYS C 62 2.84 -8.83 -24.55
CA LYS C 62 4.10 -9.41 -24.97
C LYS C 62 5.28 -8.57 -24.51
N LYS C 63 5.29 -7.29 -24.84
CA LYS C 63 6.38 -6.41 -24.46
C LYS C 63 6.34 -5.98 -23.00
N VAL C 64 5.81 -6.83 -22.14
CA VAL C 64 5.73 -6.57 -20.71
C VAL C 64 6.11 -7.83 -19.94
N MET C 65 5.80 -8.93 -20.58
CA MET C 65 6.10 -10.29 -20.11
C MET C 65 7.53 -10.65 -20.50
N GLY C 66 7.95 -10.16 -21.66
CA GLY C 66 9.35 -10.26 -22.03
C GLY C 66 10.11 -9.31 -21.10
N GLY C 67 9.42 -8.24 -20.69
CA GLY C 67 9.99 -7.29 -19.75
C GLY C 67 10.23 -8.01 -18.43
N ILE C 68 9.36 -8.99 -18.18
CA ILE C 68 9.45 -9.87 -17.03
C ILE C 68 10.44 -10.99 -17.33
N ALA C 69 10.70 -11.16 -18.63
CA ALA C 69 11.73 -12.10 -19.07
C ALA C 69 13.10 -11.52 -18.72
N LEU C 70 13.42 -10.37 -19.31
CA LEU C 70 14.65 -9.62 -19.04
C LEU C 70 14.95 -9.61 -17.55
N ALA C 71 13.97 -9.21 -16.75
CA ALA C 71 14.14 -9.23 -15.29
C ALA C 71 14.58 -10.61 -14.79
N VAL C 72 13.80 -11.64 -15.11
CA VAL C 72 14.07 -12.98 -14.58
C VAL C 72 15.50 -13.40 -14.90
N SER C 73 16.00 -12.99 -16.07
CA SER C 73 17.40 -13.27 -16.35
C SER C 73 18.28 -12.51 -15.36
N LYS C 74 18.37 -11.19 -15.51
CA LYS C 74 19.17 -10.33 -14.66
C LYS C 74 18.73 -10.25 -13.20
N ILE C 75 18.06 -11.25 -12.67
CA ILE C 75 17.62 -11.29 -11.28
C ILE C 75 18.72 -10.96 -10.28
N ASP C 76 19.97 -11.22 -10.66
CA ASP C 76 21.01 -10.95 -9.66
C ASP C 76 21.25 -9.44 -9.60
N ASP C 77 20.68 -8.71 -10.54
CA ASP C 77 20.85 -7.25 -10.58
C ASP C 77 19.78 -6.59 -11.43
N LEU C 78 18.57 -6.59 -10.89
CA LEU C 78 17.40 -6.02 -11.55
C LEU C 78 17.54 -4.51 -11.71
N LYS C 79 18.28 -3.91 -10.78
CA LYS C 79 18.55 -2.48 -10.90
C LYS C 79 19.41 -2.20 -12.10
N THR C 80 20.43 -3.02 -12.38
CA THR C 80 21.21 -2.73 -13.59
C THR C 80 20.43 -3.18 -14.82
N GLY C 81 19.84 -4.36 -14.65
CA GLY C 81 19.13 -4.98 -15.74
C GLY C 81 17.92 -4.21 -16.21
N LEU C 82 17.25 -3.51 -15.30
CA LEU C 82 15.99 -2.85 -15.64
C LEU C 82 16.10 -1.33 -15.79
N MET C 83 17.21 -0.76 -15.35
CA MET C 83 17.52 0.66 -15.39
C MET C 83 16.97 1.39 -16.61
N GLU C 84 16.95 0.76 -17.77
CA GLU C 84 16.46 1.39 -18.99
C GLU C 84 14.94 1.50 -18.95
N LEU C 85 14.31 0.53 -18.30
CA LEU C 85 12.87 0.58 -18.10
C LEU C 85 12.54 1.75 -17.16
N SER C 86 13.31 1.82 -16.07
CA SER C 86 13.22 2.92 -15.12
C SER C 86 13.20 4.26 -15.86
N GLU C 87 14.04 4.47 -16.87
CA GLU C 87 13.93 5.75 -17.59
C GLU C 87 12.54 5.81 -18.23
N GLN C 88 12.23 4.72 -18.92
CA GLN C 88 10.97 4.52 -19.63
C GLN C 88 9.77 4.87 -18.79
N HIS C 89 9.61 4.25 -17.61
CA HIS C 89 8.36 4.49 -16.89
C HIS C 89 8.44 5.72 -15.98
N ALA C 90 9.65 6.21 -15.71
CA ALA C 90 9.88 7.32 -14.81
C ALA C 90 10.13 8.65 -15.50
N TYR C 91 10.68 8.65 -16.71
CA TYR C 91 10.97 9.93 -17.37
C TYR C 91 10.09 10.04 -18.61
N LYS C 92 9.36 8.96 -18.90
CA LYS C 92 8.41 9.04 -20.01
C LYS C 92 6.99 8.90 -19.49
N LEU C 93 6.41 7.71 -19.62
CA LEU C 93 5.08 7.41 -19.12
C LEU C 93 5.05 7.34 -17.60
N ARG C 94 5.43 8.44 -16.97
CA ARG C 94 5.55 8.59 -15.53
C ARG C 94 4.42 7.88 -14.78
N VAL C 95 4.63 6.58 -14.59
CA VAL C 95 3.73 5.65 -13.95
C VAL C 95 3.91 5.58 -12.44
N ASP C 96 2.83 5.90 -11.74
CA ASP C 96 2.84 5.79 -10.28
C ASP C 96 3.25 4.37 -9.90
N PRO C 97 4.31 4.27 -9.10
CA PRO C 97 4.85 2.98 -8.67
C PRO C 97 3.82 2.08 -8.00
N ALA C 98 2.88 2.65 -7.27
CA ALA C 98 1.82 1.95 -6.54
C ALA C 98 1.03 0.99 -7.43
N ASN C 99 1.03 1.26 -8.73
CA ASN C 99 0.37 0.47 -9.74
C ASN C 99 1.11 -0.81 -10.10
N PHE C 100 2.41 -0.89 -9.86
CA PHE C 100 3.15 -2.11 -10.20
C PHE C 100 2.68 -3.26 -9.32
N LYS C 101 2.33 -2.95 -8.06
CA LYS C 101 1.83 -4.02 -7.19
C LYS C 101 0.58 -4.68 -7.81
N ILE C 102 -0.37 -3.85 -8.23
CA ILE C 102 -1.59 -4.28 -8.89
C ILE C 102 -1.29 -5.21 -10.06
N LEU C 103 -0.38 -4.77 -10.93
CA LEU C 103 0.00 -5.58 -12.08
C LEU C 103 0.56 -6.94 -11.65
N ASN C 104 1.44 -6.94 -10.66
CA ASN C 104 2.08 -8.17 -10.21
C ASN C 104 0.95 -9.14 -9.86
N HIS C 105 0.14 -8.60 -8.97
CA HIS C 105 -1.05 -9.22 -8.44
C HIS C 105 -1.81 -9.99 -9.52
N CYS C 106 -2.08 -9.32 -10.64
CA CYS C 106 -2.81 -9.96 -11.74
C CYS C 106 -1.92 -10.93 -12.51
N ILE C 107 -0.62 -10.88 -12.31
CA ILE C 107 0.35 -11.75 -12.95
C ILE C 107 0.50 -13.03 -12.14
N LEU C 108 0.16 -12.93 -10.85
CA LEU C 108 0.22 -14.15 -10.05
C LEU C 108 -1.02 -15.00 -10.36
N VAL C 109 -2.17 -14.36 -10.27
CA VAL C 109 -3.48 -14.89 -10.53
C VAL C 109 -3.59 -15.58 -11.88
N VAL C 110 -3.04 -14.98 -12.92
CA VAL C 110 -3.08 -15.50 -14.28
C VAL C 110 -2.19 -16.71 -14.48
N ILE C 111 -1.20 -16.84 -13.60
CA ILE C 111 -0.20 -17.90 -13.71
C ILE C 111 -0.69 -19.09 -12.89
N SER C 112 -1.55 -18.77 -11.92
CA SER C 112 -2.19 -19.79 -11.11
C SER C 112 -3.21 -20.55 -11.96
N THR C 113 -4.03 -19.78 -12.65
CA THR C 113 -5.10 -20.15 -13.54
C THR C 113 -4.57 -20.79 -14.82
N MET C 114 -3.25 -20.82 -14.95
CA MET C 114 -2.61 -21.39 -16.12
C MET C 114 -1.77 -22.60 -15.72
N PHE C 115 -1.09 -22.47 -14.59
CA PHE C 115 -0.16 -23.47 -14.09
C PHE C 115 -0.43 -23.73 -12.61
N PRO C 116 -1.62 -24.27 -12.35
CA PRO C 116 -2.10 -24.44 -10.98
C PRO C 116 -1.28 -25.47 -10.20
N LYS C 117 -0.47 -26.22 -10.94
CA LYS C 117 0.36 -27.27 -10.36
C LYS C 117 1.79 -26.77 -10.12
N GLU C 118 2.35 -26.04 -11.08
CA GLU C 118 3.70 -25.52 -10.88
C GLU C 118 3.69 -24.41 -9.82
N PHE C 119 2.94 -23.34 -10.06
CA PHE C 119 2.82 -22.22 -9.12
C PHE C 119 2.45 -22.72 -7.73
N THR C 120 3.44 -23.15 -6.96
CA THR C 120 3.21 -23.68 -5.62
C THR C 120 3.26 -22.56 -4.60
N PRO C 121 2.98 -22.80 -3.34
CA PRO C 121 3.20 -21.68 -2.39
C PRO C 121 4.69 -21.35 -2.44
N GLU C 122 5.54 -22.38 -2.39
CA GLU C 122 6.99 -22.15 -2.47
C GLU C 122 7.32 -21.30 -3.68
N ALA C 123 6.76 -21.57 -4.86
CA ALA C 123 7.07 -20.65 -5.98
C ALA C 123 6.22 -19.38 -5.88
N HIS C 124 5.41 -19.29 -4.84
CA HIS C 124 4.62 -18.08 -4.64
C HIS C 124 5.47 -17.04 -3.92
N VAL C 125 5.98 -17.40 -2.74
CA VAL C 125 6.79 -16.43 -1.99
C VAL C 125 7.98 -15.98 -2.84
N SER C 126 8.69 -16.88 -3.49
CA SER C 126 9.84 -16.56 -4.34
C SER C 126 9.43 -15.64 -5.49
N LEU C 127 8.42 -16.08 -6.25
CA LEU C 127 7.93 -15.23 -7.35
C LEU C 127 7.52 -13.89 -6.79
N ASP C 128 6.82 -13.88 -5.66
CA ASP C 128 6.36 -12.65 -5.03
C ASP C 128 7.52 -11.70 -4.78
N LYS C 129 8.47 -12.12 -3.95
CA LYS C 129 9.70 -11.38 -3.69
C LYS C 129 10.29 -10.83 -4.99
N PHE C 130 10.52 -11.69 -5.98
CA PHE C 130 11.06 -11.22 -7.25
C PHE C 130 10.20 -10.11 -7.81
N LEU C 131 8.87 -10.28 -7.74
CA LEU C 131 7.99 -9.29 -8.37
C LEU C 131 8.23 -7.93 -7.73
N SER C 132 8.25 -7.94 -6.38
CA SER C 132 8.52 -6.72 -5.64
C SER C 132 9.90 -6.16 -6.04
N GLY C 133 10.80 -7.11 -6.27
CA GLY C 133 12.14 -6.87 -6.74
C GLY C 133 12.07 -6.08 -8.04
N VAL C 134 11.32 -6.61 -8.99
CA VAL C 134 11.11 -5.94 -10.27
C VAL C 134 10.45 -4.58 -10.10
N ALA C 135 9.74 -4.37 -8.99
CA ALA C 135 9.05 -3.08 -8.86
C ALA C 135 10.03 -2.00 -8.46
N LEU C 136 10.77 -2.23 -7.38
CA LEU C 136 11.76 -1.33 -6.84
C LEU C 136 12.78 -0.81 -7.85
N ALA C 137 13.19 -1.68 -8.77
CA ALA C 137 14.17 -1.32 -9.78
C ALA C 137 13.56 -0.30 -10.73
N LEU C 138 12.35 -0.66 -11.16
CA LEU C 138 11.53 0.27 -11.95
C LEU C 138 11.49 1.63 -11.28
N ALA C 139 11.37 1.60 -9.95
CA ALA C 139 11.40 2.80 -9.14
C ALA C 139 12.83 3.15 -8.77
N GLU C 140 13.76 3.08 -9.73
CA GLU C 140 15.13 3.36 -9.35
C GLU C 140 15.43 4.85 -9.41
N ARG C 141 15.16 5.43 -10.57
CA ARG C 141 15.38 6.82 -10.89
C ARG C 141 14.08 7.63 -10.89
N TYR C 142 13.05 7.16 -10.16
CA TYR C 142 11.81 7.93 -10.22
C TYR C 142 12.06 9.27 -9.53
N ARG C 143 12.66 9.18 -8.35
CA ARG C 143 12.91 10.38 -7.57
C ARG C 143 14.08 10.20 -6.61
N VAL D 1 -21.75 -0.01 -0.36
CA VAL D 1 -21.63 -0.81 -1.58
C VAL D 1 -22.99 -1.01 -2.24
N GLU D 2 -22.97 -1.32 -3.54
CA GLU D 2 -24.16 -1.68 -4.29
C GLU D 2 -23.80 -2.65 -5.43
N TRP D 3 -24.45 -3.80 -5.41
CA TRP D 3 -24.23 -4.88 -6.35
C TRP D 3 -25.14 -4.88 -7.56
N THR D 4 -24.58 -5.37 -8.66
CA THR D 4 -25.34 -5.62 -9.88
C THR D 4 -25.75 -7.08 -9.88
N ASP D 5 -26.55 -7.50 -10.86
CA ASP D 5 -27.05 -8.88 -10.83
C ASP D 5 -25.92 -9.84 -11.17
N LYS D 6 -25.14 -9.55 -12.21
CA LYS D 6 -23.99 -10.34 -12.59
C LYS D 6 -23.08 -10.59 -11.39
N GLU D 7 -22.82 -9.52 -10.64
CA GLU D 7 -22.01 -9.72 -9.44
C GLU D 7 -22.85 -10.52 -8.46
N ARG D 8 -24.19 -10.38 -8.55
CA ARG D 8 -24.94 -11.21 -7.59
C ARG D 8 -24.73 -12.67 -8.01
N SER D 9 -25.00 -12.93 -9.29
CA SER D 9 -24.93 -14.30 -9.77
C SER D 9 -23.53 -14.88 -9.51
N ILE D 10 -22.53 -14.11 -9.96
CA ILE D 10 -21.17 -14.61 -9.86
C ILE D 10 -20.83 -15.06 -8.45
N ILE D 11 -21.17 -14.26 -7.44
CA ILE D 11 -20.86 -14.80 -6.10
C ILE D 11 -21.80 -15.94 -5.75
N SER D 12 -22.86 -16.12 -6.52
CA SER D 12 -23.79 -17.22 -6.28
C SER D 12 -23.13 -18.52 -6.76
N ASP D 13 -22.69 -18.45 -7.99
CA ASP D 13 -21.97 -19.49 -8.72
C ASP D 13 -20.79 -20.06 -7.93
N ILE D 14 -19.74 -19.26 -7.90
CA ILE D 14 -18.48 -19.55 -7.24
C ILE D 14 -18.68 -20.21 -5.88
N PHE D 15 -19.43 -19.52 -5.02
CA PHE D 15 -19.60 -20.02 -3.66
C PHE D 15 -20.47 -21.26 -3.60
N SER D 16 -21.26 -21.53 -4.65
CA SER D 16 -22.07 -22.75 -4.57
C SER D 16 -21.23 -23.98 -4.88
N HIS D 17 -20.19 -23.82 -5.70
CA HIS D 17 -19.34 -24.93 -6.10
C HIS D 17 -18.14 -25.15 -5.18
N MET D 18 -17.92 -24.24 -4.25
CA MET D 18 -16.74 -24.27 -3.41
C MET D 18 -16.59 -25.56 -2.61
N ASP D 19 -15.51 -26.24 -2.95
CA ASP D 19 -14.98 -27.37 -2.21
C ASP D 19 -14.18 -26.85 -1.01
N TYR D 20 -14.85 -26.25 -0.04
CA TYR D 20 -14.26 -25.66 1.15
C TYR D 20 -13.14 -26.48 1.77
N ASP D 21 -13.22 -27.80 1.66
CA ASP D 21 -12.28 -28.77 2.19
C ASP D 21 -10.94 -28.75 1.49
N ASP D 22 -10.92 -28.38 0.21
CA ASP D 22 -9.61 -28.22 -0.43
C ASP D 22 -9.13 -26.79 -0.15
N ILE D 23 -9.62 -25.88 -0.98
CA ILE D 23 -9.43 -24.44 -0.94
C ILE D 23 -9.21 -23.92 0.48
N GLY D 24 -10.11 -24.27 1.38
CA GLY D 24 -10.10 -23.85 2.76
C GLY D 24 -8.71 -23.99 3.36
N PRO D 25 -8.33 -25.23 3.62
CA PRO D 25 -6.98 -25.55 4.10
C PRO D 25 -5.90 -24.80 3.34
N LYS D 26 -5.92 -24.98 2.02
CA LYS D 26 -4.86 -24.43 1.19
C LYS D 26 -4.68 -22.93 1.36
N ALA D 27 -5.74 -22.16 1.16
CA ALA D 27 -5.67 -20.70 1.19
C ALA D 27 -5.17 -20.18 2.52
N LEU D 28 -5.21 -20.99 3.58
CA LEU D 28 -4.63 -20.58 4.84
C LEU D 28 -3.16 -21.02 4.90
N SER D 29 -2.90 -22.14 4.24
CA SER D 29 -1.59 -22.76 4.11
C SER D 29 -0.66 -21.88 3.29
N ARG D 30 -1.14 -21.47 2.12
CA ARG D 30 -0.33 -20.59 1.27
C ARG D 30 -0.14 -19.23 1.91
N CYS D 31 -1.12 -18.80 2.71
CA CYS D 31 -0.95 -17.48 3.31
C CYS D 31 0.02 -17.55 4.50
N LEU D 32 -0.02 -18.66 5.23
CA LEU D 32 0.88 -18.80 6.37
C LEU D 32 2.33 -18.67 5.88
N ILE D 33 2.53 -19.33 4.75
CA ILE D 33 3.75 -19.54 4.03
C ILE D 33 4.21 -18.33 3.22
N VAL D 34 3.30 -17.63 2.54
CA VAL D 34 3.77 -16.50 1.72
C VAL D 34 3.70 -15.20 2.51
N TYR D 35 3.10 -15.34 3.68
CA TYR D 35 2.87 -14.22 4.60
C TYR D 35 3.00 -14.75 6.03
N PRO D 36 4.25 -15.06 6.37
CA PRO D 36 4.66 -15.70 7.62
C PRO D 36 4.25 -14.89 8.83
N TRP D 37 4.24 -13.55 8.69
CA TRP D 37 3.82 -12.79 9.87
C TRP D 37 2.39 -13.14 10.24
N THR D 38 1.55 -13.66 9.33
CA THR D 38 0.21 -14.02 9.79
C THR D 38 0.23 -15.32 10.60
N GLN D 39 1.40 -15.91 10.81
CA GLN D 39 1.50 -17.09 11.66
C GLN D 39 1.69 -16.65 13.11
N ARG D 40 1.26 -15.43 13.39
CA ARG D 40 1.34 -14.88 14.74
C ARG D 40 0.33 -15.60 15.64
N HIS D 41 -0.85 -15.92 15.10
CA HIS D 41 -1.89 -16.54 15.91
C HIS D 41 -2.14 -17.98 15.54
N PHE D 42 -1.13 -18.64 14.98
CA PHE D 42 -1.27 -20.05 14.61
C PHE D 42 -0.11 -20.87 15.21
N SER D 43 0.83 -20.17 15.80
CA SER D 43 2.06 -20.69 16.39
C SER D 43 1.87 -22.05 17.04
N GLY D 44 1.09 -22.10 18.11
CA GLY D 44 0.78 -23.29 18.88
C GLY D 44 -0.19 -24.23 18.19
N PHE D 45 -0.02 -24.36 16.88
CA PHE D 45 -0.80 -25.27 16.04
C PHE D 45 0.16 -26.36 15.56
N GLY D 46 1.38 -26.22 16.05
CA GLY D 46 2.56 -27.01 15.83
C GLY D 46 3.76 -26.18 15.38
N ASN D 47 4.78 -26.85 14.84
CA ASN D 47 5.92 -26.11 14.28
C ASN D 47 5.53 -25.63 12.89
N LEU D 48 6.11 -24.52 12.43
CA LEU D 48 5.70 -24.03 11.12
C LEU D 48 6.87 -23.55 10.27
N TYR D 49 8.11 -23.92 10.62
CA TYR D 49 9.22 -23.52 9.77
C TYR D 49 9.52 -24.68 8.80
N ASN D 50 8.93 -24.58 7.63
CA ASN D 50 8.94 -25.52 6.53
C ASN D 50 7.64 -25.45 5.73
N ALA D 51 7.74 -25.76 4.44
CA ALA D 51 6.59 -25.84 3.56
C ALA D 51 5.63 -26.93 4.06
N GLU D 52 6.19 -28.12 4.26
CA GLU D 52 5.48 -29.31 4.69
C GLU D 52 4.85 -29.16 6.06
N ALA D 53 5.50 -28.42 6.95
CA ALA D 53 4.92 -28.19 8.26
C ALA D 53 3.49 -27.63 8.17
N ILE D 54 3.33 -26.55 7.40
CA ILE D 54 2.08 -25.82 7.28
C ILE D 54 1.03 -26.60 6.49
N ILE D 55 1.22 -26.75 5.19
CA ILE D 55 0.36 -27.49 4.30
C ILE D 55 -0.08 -28.82 4.90
N GLY D 56 0.82 -29.46 5.63
CA GLY D 56 0.60 -30.71 6.32
C GLY D 56 0.14 -30.55 7.76
N ASN D 57 -0.43 -29.41 8.13
CA ASN D 57 -0.93 -29.22 9.49
C ASN D 57 -2.45 -29.07 9.52
N ALA D 58 -3.10 -29.86 10.36
CA ALA D 58 -4.55 -29.89 10.48
C ALA D 58 -5.12 -28.76 11.32
N ASN D 59 -4.31 -28.12 12.15
CA ASN D 59 -4.82 -27.02 12.97
C ASN D 59 -4.95 -25.76 12.13
N VAL D 60 -4.55 -25.85 10.87
CA VAL D 60 -4.61 -24.80 9.88
C VAL D 60 -5.60 -25.13 8.77
N ALA D 61 -5.53 -26.37 8.28
CA ALA D 61 -6.49 -26.84 7.29
C ALA D 61 -7.90 -26.63 7.82
N ALA D 62 -8.16 -27.29 8.95
CA ALA D 62 -9.44 -27.26 9.64
C ALA D 62 -9.72 -25.86 10.20
N HIS D 63 -8.70 -25.02 10.21
CA HIS D 63 -8.82 -23.62 10.54
C HIS D 63 -9.15 -22.78 9.30
N GLY D 64 -8.62 -23.17 8.15
CA GLY D 64 -8.88 -22.47 6.90
C GLY D 64 -10.31 -22.71 6.42
N ILE D 65 -10.94 -23.72 7.00
CA ILE D 65 -12.33 -24.07 6.76
C ILE D 65 -13.26 -23.13 7.50
N LYS D 66 -12.85 -22.72 8.70
CA LYS D 66 -13.56 -21.74 9.49
C LYS D 66 -13.77 -20.48 8.65
N VAL D 67 -12.64 -19.82 8.41
CA VAL D 67 -12.47 -18.62 7.62
C VAL D 67 -13.33 -18.63 6.37
N LEU D 68 -13.08 -19.61 5.50
CA LEU D 68 -13.85 -19.74 4.26
C LEU D 68 -15.33 -19.76 4.61
N HIS D 69 -15.73 -20.73 5.43
CA HIS D 69 -17.11 -20.85 5.87
C HIS D 69 -17.58 -19.56 6.55
N GLY D 70 -16.65 -18.80 7.12
CA GLY D 70 -17.02 -17.50 7.66
C GLY D 70 -17.50 -16.61 6.54
N LEU D 71 -17.05 -16.89 5.32
CA LEU D 71 -17.45 -16.10 4.17
C LEU D 71 -18.92 -16.36 3.81
N ASP D 72 -19.39 -17.53 4.23
CA ASP D 72 -20.73 -18.01 3.95
C ASP D 72 -21.77 -16.91 4.20
N ARG D 73 -21.75 -16.49 5.46
CA ARG D 73 -22.61 -15.47 6.02
C ARG D 73 -22.74 -14.24 5.16
N GLY D 74 -21.67 -13.82 4.49
CA GLY D 74 -21.78 -12.60 3.70
C GLY D 74 -22.50 -12.87 2.41
N VAL D 75 -22.42 -14.11 1.93
CA VAL D 75 -23.07 -14.29 0.62
C VAL D 75 -24.58 -14.22 0.84
N LYS D 76 -25.06 -14.62 2.01
CA LYS D 76 -26.49 -14.60 2.27
C LYS D 76 -26.96 -13.24 2.79
N ASN D 77 -26.11 -12.57 3.55
CA ASN D 77 -26.40 -11.25 4.09
C ASN D 77 -25.89 -10.18 3.14
N MET D 78 -25.98 -10.43 1.84
CA MET D 78 -25.38 -9.64 0.79
C MET D 78 -25.49 -8.13 0.91
N ASP D 79 -26.27 -7.54 1.79
CA ASP D 79 -26.26 -6.07 1.91
C ASP D 79 -25.97 -5.64 3.35
N ASN D 80 -25.93 -6.58 4.28
CA ASN D 80 -25.72 -6.37 5.70
C ASN D 80 -24.34 -6.76 6.19
N ILE D 81 -23.34 -6.72 5.31
CA ILE D 81 -22.01 -7.25 5.58
C ILE D 81 -21.37 -6.60 6.81
N ALA D 82 -21.20 -5.29 6.70
CA ALA D 82 -20.61 -4.50 7.78
C ALA D 82 -21.33 -4.81 9.08
N ALA D 83 -22.66 -4.73 9.06
CA ALA D 83 -23.45 -5.02 10.25
C ALA D 83 -23.10 -6.40 10.79
N THR D 84 -23.16 -7.36 9.87
CA THR D 84 -22.94 -8.78 10.02
C THR D 84 -21.58 -9.13 10.60
N TYR D 85 -20.52 -8.46 10.12
CA TYR D 85 -19.18 -8.88 10.52
C TYR D 85 -18.67 -8.18 11.76
N ALA D 86 -19.42 -7.21 12.28
CA ALA D 86 -19.07 -6.46 13.48
C ALA D 86 -18.85 -7.29 14.73
N ASP D 87 -19.11 -8.59 14.68
CA ASP D 87 -18.88 -9.46 15.83
C ASP D 87 -17.64 -10.31 15.53
N LEU D 88 -17.31 -10.32 14.24
CA LEU D 88 -16.13 -10.97 13.71
C LEU D 88 -14.99 -9.96 13.80
N SER D 89 -15.38 -8.70 13.58
CA SER D 89 -14.50 -7.56 13.71
C SER D 89 -14.12 -7.31 15.16
N THR D 90 -15.14 -7.29 16.03
CA THR D 90 -14.88 -7.07 17.45
C THR D 90 -14.05 -8.20 18.05
N LEU D 91 -14.39 -9.44 17.70
CA LEU D 91 -13.63 -10.57 18.19
C LEU D 91 -12.15 -10.46 17.85
N HIS D 92 -11.85 -10.61 16.56
CA HIS D 92 -10.49 -10.57 16.05
C HIS D 92 -9.71 -9.36 16.59
N SER D 93 -10.39 -8.24 16.85
CA SER D 93 -9.72 -7.07 17.38
C SER D 93 -9.41 -7.17 18.88
N GLU D 94 -10.47 -7.23 19.67
CA GLU D 94 -10.37 -7.24 21.13
C GLU D 94 -10.27 -8.63 21.72
N LYS D 95 -10.22 -9.67 20.90
CA LYS D 95 -10.03 -11.01 21.48
C LYS D 95 -8.74 -11.63 20.98
N LEU D 96 -8.35 -11.39 19.72
CA LEU D 96 -7.13 -12.10 19.29
C LEU D 96 -6.01 -11.16 18.88
N HIS D 97 -6.31 -9.87 18.73
CA HIS D 97 -5.22 -8.95 18.37
C HIS D 97 -4.58 -9.33 17.05
N VAL D 98 -5.39 -9.32 16.00
CA VAL D 98 -5.03 -9.60 14.62
C VAL D 98 -4.84 -8.29 13.87
N ASP D 99 -4.04 -8.27 12.81
CA ASP D 99 -3.79 -7.02 12.09
C ASP D 99 -4.62 -7.03 10.81
N PRO D 100 -5.65 -6.18 10.79
CA PRO D 100 -6.65 -6.10 9.72
C PRO D 100 -6.07 -6.18 8.33
N ASP D 101 -4.87 -5.63 8.12
CA ASP D 101 -4.26 -5.75 6.79
C ASP D 101 -4.07 -7.21 6.41
N ASN D 102 -3.92 -8.06 7.43
CA ASN D 102 -3.82 -9.49 7.28
C ASN D 102 -5.09 -10.08 6.69
N PHE D 103 -6.18 -9.31 6.71
CA PHE D 103 -7.42 -9.81 6.14
C PHE D 103 -7.24 -9.94 4.63
N LYS D 104 -6.77 -8.87 3.98
CA LYS D 104 -6.57 -8.78 2.54
C LYS D 104 -5.46 -9.71 2.04
N LEU D 105 -4.38 -9.82 2.82
CA LEU D 105 -3.38 -10.84 2.55
C LEU D 105 -4.08 -12.19 2.36
N LEU D 106 -4.76 -12.68 3.38
CA LEU D 106 -5.52 -13.93 3.31
C LEU D 106 -6.58 -13.90 2.21
N SER D 107 -7.29 -12.79 2.07
CA SER D 107 -8.26 -12.62 0.99
C SER D 107 -7.56 -12.94 -0.32
N ASP D 108 -6.46 -12.22 -0.48
CA ASP D 108 -5.59 -12.32 -1.63
C ASP D 108 -5.27 -13.77 -1.98
N CYS D 109 -4.84 -14.51 -0.96
CA CYS D 109 -4.44 -15.90 -1.16
C CYS D 109 -5.65 -16.77 -1.44
N ILE D 110 -6.84 -16.25 -1.18
CA ILE D 110 -8.09 -16.97 -1.39
C ILE D 110 -8.48 -16.94 -2.86
N THR D 111 -7.90 -15.97 -3.55
CA THR D 111 -8.11 -15.67 -4.95
C THR D 111 -7.12 -16.42 -5.83
N ILE D 112 -5.91 -16.60 -5.29
CA ILE D 112 -4.88 -17.29 -6.05
C ILE D 112 -5.19 -18.79 -6.05
N VAL D 113 -5.52 -19.29 -4.86
CA VAL D 113 -5.88 -20.70 -4.71
C VAL D 113 -7.18 -21.04 -5.41
N LEU D 114 -8.13 -20.09 -5.42
CA LEU D 114 -9.40 -20.33 -6.10
C LEU D 114 -9.20 -20.22 -7.62
N ALA D 115 -8.40 -19.24 -8.02
CA ALA D 115 -8.13 -19.00 -9.44
C ALA D 115 -7.38 -20.16 -10.08
N ALA D 116 -6.69 -20.94 -9.29
CA ALA D 116 -5.96 -22.14 -9.68
C ALA D 116 -6.92 -23.34 -9.67
N LYS D 117 -8.01 -23.10 -8.94
CA LYS D 117 -9.12 -24.02 -8.86
C LYS D 117 -9.99 -23.92 -10.12
N MET D 118 -10.36 -22.72 -10.50
CA MET D 118 -11.28 -22.42 -11.58
C MET D 118 -10.64 -22.20 -12.94
N GLY D 119 -9.43 -21.62 -12.97
CA GLY D 119 -8.70 -21.44 -14.20
C GLY D 119 -9.24 -20.43 -15.18
N HIS D 120 -9.88 -20.87 -16.27
CA HIS D 120 -10.31 -19.90 -17.27
C HIS D 120 -11.74 -19.44 -17.05
N ALA D 121 -12.53 -20.20 -16.29
CA ALA D 121 -13.88 -19.76 -15.96
C ALA D 121 -13.84 -18.44 -15.19
N PHE D 122 -12.75 -18.28 -14.47
CA PHE D 122 -12.28 -17.21 -13.63
C PHE D 122 -11.71 -16.05 -14.43
N THR D 123 -12.50 -15.46 -15.31
CA THR D 123 -12.04 -14.30 -16.08
C THR D 123 -11.76 -13.10 -15.17
N ALA D 124 -11.42 -11.99 -15.80
CA ALA D 124 -11.23 -10.72 -15.11
C ALA D 124 -12.53 -10.30 -14.40
N GLU D 125 -13.64 -10.37 -15.15
CA GLU D 125 -14.94 -10.05 -14.58
C GLU D 125 -15.25 -10.96 -13.39
N THR D 126 -14.85 -12.22 -13.47
CA THR D 126 -15.02 -13.17 -12.36
C THR D 126 -14.22 -12.77 -11.13
N GLN D 127 -12.99 -12.37 -11.40
CA GLN D 127 -12.05 -11.89 -10.40
C GLN D 127 -12.64 -10.67 -9.70
N GLY D 128 -13.05 -9.75 -10.56
CA GLY D 128 -13.65 -8.50 -10.16
C GLY D 128 -14.71 -8.67 -9.08
N ALA D 129 -15.70 -9.52 -9.33
CA ALA D 129 -16.74 -9.70 -8.31
C ALA D 129 -16.21 -10.35 -7.05
N PHE D 130 -15.28 -11.30 -7.19
CA PHE D 130 -14.85 -12.03 -5.98
C PHE D 130 -14.00 -11.16 -5.08
N GLN D 131 -13.12 -10.34 -5.65
CA GLN D 131 -12.32 -9.40 -4.87
C GLN D 131 -13.16 -8.22 -4.41
N LYS D 132 -14.28 -7.96 -5.08
CA LYS D 132 -15.19 -6.92 -4.58
C LYS D 132 -15.76 -7.43 -3.24
N PHE D 133 -16.26 -8.66 -3.29
CA PHE D 133 -16.78 -9.35 -2.12
C PHE D 133 -15.83 -9.21 -0.94
N LEU D 134 -14.76 -9.98 -1.00
CA LEU D 134 -13.73 -10.01 0.04
C LEU D 134 -13.34 -8.59 0.44
N ALA D 135 -13.17 -7.69 -0.52
CA ALA D 135 -12.96 -6.29 -0.13
C ALA D 135 -14.09 -5.82 0.80
N VAL D 136 -15.32 -5.86 0.31
CA VAL D 136 -16.50 -5.53 1.08
C VAL D 136 -16.47 -6.12 2.48
N VAL D 137 -16.37 -7.45 2.54
CA VAL D 137 -16.31 -8.20 3.77
C VAL D 137 -15.11 -7.84 4.64
N VAL D 138 -13.99 -7.58 3.99
CA VAL D 138 -12.74 -7.28 4.67
C VAL D 138 -12.83 -5.94 5.39
N SER D 139 -13.48 -4.97 4.76
CA SER D 139 -13.76 -3.68 5.36
C SER D 139 -14.70 -3.83 6.56
N ALA D 140 -15.45 -4.93 6.55
CA ALA D 140 -16.40 -5.26 7.59
C ALA D 140 -15.71 -5.93 8.78
N LEU D 141 -14.52 -6.47 8.55
CA LEU D 141 -13.75 -7.12 9.61
C LEU D 141 -12.82 -6.12 10.28
N GLY D 142 -12.64 -4.99 9.60
CA GLY D 142 -11.93 -3.83 10.07
C GLY D 142 -12.91 -2.69 10.31
N LYS D 143 -13.64 -2.76 11.41
CA LYS D 143 -14.60 -1.74 11.77
C LYS D 143 -14.55 -1.49 13.28
N GLN D 144 -14.52 -2.60 14.00
CA GLN D 144 -14.43 -2.70 15.45
C GLN D 144 -13.03 -2.41 15.96
N TYR D 145 -12.17 -1.97 15.04
CA TYR D 145 -10.79 -1.66 15.37
C TYR D 145 -10.64 -0.18 15.73
N HIS D 146 -10.27 0.00 16.99
CA HIS D 146 -10.04 1.25 17.68
C HIS D 146 -8.92 1.10 18.71
N NO E . 8.79 -0.82 17.49
O NO E . 8.26 -0.05 18.15
CHA HEM F . 10.66 -3.23 19.34
CHB HEM F . 12.83 -0.45 16.05
CHC HEM F . 8.71 -0.13 13.57
CHD HEM F . 6.54 -2.96 16.81
C1A HEM F . 11.61 -2.48 18.68
C2A HEM F . 12.97 -2.27 19.12
C3A HEM F . 13.57 -1.50 18.21
C4A HEM F . 12.61 -1.22 17.18
CMA HEM F . 15.03 -0.98 18.19
CAA HEM F . 13.56 -2.82 20.43
CBA HEM F . 13.44 -4.31 20.74
CGA HEM F . 13.52 -4.66 22.21
O1A HEM F . 14.67 -4.91 22.65
O2A HEM F . 12.45 -4.69 22.85
C1B HEM F . 11.91 -0.11 15.09
C2B HEM F . 12.15 0.74 13.95
C3B HEM F . 11.01 0.82 13.25
C4B HEM F . 10.03 0.02 13.94
CMB HEM F . 13.51 1.40 13.67
CAB HEM F . 10.74 1.57 11.94
CBB HEM F . 9.77 2.48 11.86
C1C HEM F . 7.74 -0.80 14.28
C2C HEM F . 6.31 -0.76 14.02
C3C HEM F . 5.72 -1.53 14.92
C4C HEM F . 6.76 -2.11 15.76
CMC HEM F . 5.69 0.08 12.88
CAC HEM F . 4.22 -1.87 15.09
CBC HEM F . 3.46 -2.07 14.01
C1D HEM F . 7.46 -3.24 17.80
C2D HEM F . 7.17 -3.95 19.03
C3D HEM F . 8.30 -4.04 19.72
C4D HEM F . 9.34 -3.36 18.97
CMD HEM F . 5.76 -4.50 19.35
CAD HEM F . 8.54 -4.68 21.11
CBD HEM F . 8.13 -3.85 22.34
CGD HEM F . 7.85 -4.64 23.59
O1D HEM F . 8.07 -4.05 24.68
O2D HEM F . 7.43 -5.82 23.44
NA HEM F . 11.40 -1.83 17.47
NB HEM F . 10.59 -0.54 15.07
NC HEM F . 7.99 -1.63 15.36
ND HEM F . 8.79 -2.88 17.78
FE HEM F . 9.74 -1.86 16.35
N NO G . -5.12 19.05 -8.31
O NO G . -4.14 19.27 -7.75
CHA HEM H . -7.41 20.72 -11.72
CHB HEM H . -8.49 20.42 -7.02
CHC HEM H . -6.06 16.25 -6.77
CHD HEM H . -4.15 17.23 -11.11
C1A HEM H . -8.02 20.92 -10.50
C2A HEM H . -9.14 21.80 -10.25
C3A HEM H . -9.44 21.71 -8.95
C4A HEM H . -8.51 20.80 -8.35
CMA HEM H . -10.56 22.44 -8.17
CAA HEM H . -9.81 22.65 -11.36
CBA HEM H . -10.52 21.92 -12.49
CGA HEM H . -11.63 22.67 -13.17
O1A HEM H . -12.52 23.17 -12.42
O2A HEM H . -11.58 22.77 -14.43
C1B HEM H . -7.97 19.23 -6.55
C2B HEM H . -8.17 18.69 -5.22
C3B HEM H . -7.51 17.53 -5.15
C4B HEM H . -6.86 17.33 -6.42
CMB HEM H . -9.04 19.38 -4.15
CAB HEM H . -7.39 16.56 -3.97
CBB HEM H . -7.24 17.01 -2.72
C1C HEM H . -5.20 16.28 -7.87
C2C HEM H . -3.92 15.61 -7.92
C3C HEM H . -3.40 15.86 -9.13
C4C HEM H . -4.32 16.72 -9.85
CMC HEM H . -3.37 14.78 -6.74
CAC HEM H . -2.04 15.42 -9.72
CBC HEM H . -1.55 14.21 -9.43
C1D HEM H . -4.85 18.26 -11.67
C2D HEM H . -4.60 18.89 -12.96
C3D HEM H . -5.49 19.88 -13.11
C4D HEM H . -6.36 19.85 -11.96
CMD HEM H . -3.48 18.44 -13.92
CAD HEM H . -5.69 20.80 -14.32
CBD HEM H . -5.77 22.31 -14.09
CGD HEM H . -6.95 23.02 -14.68
O1D HEM H . -7.37 24.05 -14.07
O2D HEM H . -7.45 22.55 -15.73
NA HEM H . -7.65 20.31 -9.31
NB HEM H . -7.16 18.38 -7.27
NC HEM H . -5.44 16.96 -9.04
ND HEM H . -5.93 18.89 -11.06
FE HEM H . -6.64 18.57 -9.21
N NO I . 3.70 -2.30 -18.32
O NO I . 3.15 -3.26 -18.01
CHA HEM J . 5.42 0.45 -21.68
CHB HEM J . 7.33 -2.99 -18.89
CHC HEM J . 4.19 -1.91 -15.38
CHD HEM J . 2.39 1.65 -18.09
C1A HEM J . 6.23 -0.58 -21.26
C2A HEM J . 7.24 -1.26 -22.02
C3A HEM J . 7.74 -2.24 -21.25
C4A HEM J . 7.09 -2.15 -19.96
CMA HEM J . 8.84 -3.26 -21.58
CAA HEM J . 7.70 -0.91 -23.46
CBA HEM J . 6.71 -0.54 -24.52
CGA HEM J . 7.19 -0.53 -25.95
O1A HEM J . 8.19 -1.24 -26.23
O2A HEM J . 6.55 0.18 -26.77
C1B HEM J . 6.62 -3.02 -17.72
C2B HEM J . 6.75 -4.02 -16.67
C3B HEM J . 5.91 -3.71 -15.70
C4B HEM J . 5.19 -2.51 -16.11
CMB HEM J . 7.76 -5.19 -16.76
CAB HEM J . 5.61 -4.43 -14.37
CBB HEM J . 5.54 -5.77 -14.35
C1C HEM J . 3.38 -0.88 -15.83
C2C HEM J . 2.24 -0.33 -15.13
C3C HEM J . 1.75 0.66 -15.87
C4C HEM J . 2.55 0.73 -17.08
CMC HEM J . 1.78 -0.86 -13.76
CAC HEM J . 0.54 1.57 -15.62
CBC HEM J . -0.57 1.08 -15.04
C1D HEM J . 3.00 1.55 -19.33
C2D HEM J . 2.53 2.23 -20.52
C3D HEM J . 3.36 1.90 -21.51
C4D HEM J . 4.34 0.97 -20.98
CMD HEM J . 1.31 3.17 -20.52
CAD HEM J . 3.32 2.32 -23.00
CBD HEM J . 3.15 1.20 -24.02
CGD HEM J . 2.58 1.63 -25.34
O1D HEM J . 2.40 0.74 -26.21
O2D HEM J . 2.32 2.86 -25.45
NA HEM J . 6.15 -1.14 -19.99
NB HEM J . 5.64 -2.11 -17.35
NC HEM J . 3.56 -0.21 -17.03
ND HEM J . 4.12 0.80 -19.63
FE HEM J . 4.72 -0.80 -18.59
N NO K . -9.92 -17.29 11.31
O NO K . -9.62 -18.35 11.02
CHA HEM L . -11.53 -17.61 14.24
CHB HEM L . -13.46 -15.93 10.14
CHC HEM L . -9.27 -13.78 9.05
CHD HEM L . -7.26 -15.71 13.01
C1A HEM L . -12.41 -17.39 13.19
C2A HEM L . -13.71 -18.02 13.05
C3A HEM L . -14.24 -17.54 11.91
C4A HEM L . -13.28 -16.63 11.32
CMA HEM L . -15.61 -17.84 11.28
CAA HEM L . -14.28 -19.05 14.03
CBA HEM L . -14.32 -18.79 15.52
CGA HEM L . -13.72 -19.82 16.42
O1A HEM L . -13.77 -19.62 17.66
O2A HEM L . -13.20 -20.84 15.87
C1B HEM L . -12.50 -15.20 9.49
C2B HEM L . -12.66 -14.52 8.22
C3B HEM L . -11.50 -13.94 7.92
C4B HEM L . -10.58 -14.22 9.00
CMB HEM L . -13.99 -14.51 7.41
CAB HEM L . -11.12 -13.06 6.70
CBB HEM L . -11.31 -13.48 5.46
C1C HEM L . -8.35 -14.15 10.02
C2C HEM L . -6.94 -13.79 10.00
C3C HEM L . -6.39 -14.33 11.09
C4C HEM L . -7.43 -15.04 11.82
CMC HEM L . -6.31 -12.95 8.88
CAC HEM L . -4.92 -14.28 11.58
CBC HEM L . -3.91 -14.28 10.71
C1D HEM L . -8.26 -16.34 13.73
C2D HEM L . -8.14 -16.86 15.07
C3D HEM L . -9.32 -17.41 15.40
C4D HEM L . -10.22 -17.20 14.29
CMD HEM L . -6.85 -16.79 15.90
CAD HEM L . -9.75 -18.05 16.73
CBD HEM L . -9.86 -19.55 16.87
CGD HEM L . -10.14 -20.08 18.25
O1D HEM L . -9.90 -21.29 18.47
O2D HEM L . -10.61 -19.26 19.09
NA HEM L . -12.17 -16.54 12.14
NB HEM L . -11.20 -15.01 9.95
NC HEM L . -8.62 -14.91 11.13
ND HEM L . -9.55 -16.55 13.26
FE HEM L . -10.44 -15.57 11.72
#